data_6DJ9
#
_entry.id   6DJ9
#
_cell.length_a   152.410
_cell.length_b   152.410
_cell.length_c   125.461
_cell.angle_alpha   90.00
_cell.angle_beta   90.00
_cell.angle_gamma   120.00
#
_symmetry.space_group_name_H-M   'P 63'
#
loop_
_entity.id
_entity.type
_entity.pdbx_description
1 polymer 'Ubiquitin carboxyl-terminal hydrolase 15'
2 polymer 'Ubiquitin Variant UbV 15.D'
#
loop_
_entity_poly.entity_id
_entity_poly.type
_entity_poly.pdbx_seq_one_letter_code
_entity_poly.pdbx_strand_id
1 'polypeptide(L)'
;GAAAMAEGGAADLDTQRSDIATLLKTSLRKGDTWYLVDSRWFKQWKKYVGFDSWDKYQMGDQNVYPGPIDNSGLLKDGDA
QSLKEHLIDELDYILLPTEGWNKLVSWYTLMEGQEPIARKVVEQGMFVKHCKVEVYLTSSG
;
A,B,C,D,E,F
2 'polypeptide(L)'
;GAGMQIFVSTAWFCGKLITLEVEPSDTIENVKAKIQDKEGIPPDQQRLIFAGKQLEDGRTLSDYNIQKESGLQLHRRLRP
TSGSSG
;
G,H,I,J,K,L
#
# COMPACT_ATOMS: atom_id res chain seq x y z
N GLU A 7 -29.65 -20.06 -0.04
CA GLU A 7 -29.59 -19.84 1.40
C GLU A 7 -28.23 -20.26 1.96
N GLY A 8 -27.53 -19.29 2.56
CA GLY A 8 -26.24 -19.57 3.17
C GLY A 8 -26.13 -19.06 4.59
N GLY A 9 -25.13 -18.23 4.86
CA GLY A 9 -24.96 -17.66 6.18
C GLY A 9 -23.77 -18.23 6.93
N ALA A 10 -24.05 -18.88 8.06
CA ALA A 10 -23.03 -19.53 8.88
C ALA A 10 -23.74 -20.40 9.91
N ALA A 11 -23.01 -21.36 10.45
CA ALA A 11 -23.57 -22.26 11.46
C ALA A 11 -22.43 -22.94 12.21
N ASP A 12 -22.38 -22.73 13.53
CA ASP A 12 -21.46 -23.44 14.42
C ASP A 12 -20.01 -23.25 13.97
N LEU A 13 -19.53 -22.02 14.18
CA LEU A 13 -18.14 -21.65 13.97
C LEU A 13 -17.17 -22.77 14.36
N ASP A 14 -17.39 -23.39 15.52
CA ASP A 14 -16.50 -24.45 15.98
C ASP A 14 -16.58 -25.71 15.10
N THR A 15 -17.66 -25.89 14.33
CA THR A 15 -17.72 -27.00 13.39
C THR A 15 -17.39 -26.59 11.97
N GLN A 16 -17.49 -25.29 11.65
CA GLN A 16 -17.06 -24.80 10.34
C GLN A 16 -15.61 -25.17 10.07
N ARG A 17 -14.78 -25.14 11.11
CA ARG A 17 -13.40 -25.60 11.01
C ARG A 17 -13.29 -27.12 11.11
N SER A 18 -14.23 -27.77 11.81
CA SER A 18 -14.16 -29.22 12.00
C SER A 18 -14.11 -29.96 10.68
N ASP A 19 -14.65 -29.38 9.63
CA ASP A 19 -14.71 -29.98 8.31
C ASP A 19 -13.65 -29.45 7.35
N ILE A 20 -13.41 -28.13 7.35
CA ILE A 20 -12.37 -27.56 6.50
C ILE A 20 -11.03 -28.20 6.80
N ALA A 21 -10.78 -28.52 8.07
CA ALA A 21 -9.60 -29.31 8.41
C ALA A 21 -9.62 -30.67 7.71
N THR A 22 -10.75 -31.38 7.81
CA THR A 22 -10.85 -32.71 7.22
C THR A 22 -10.83 -32.65 5.70
N LEU A 23 -11.40 -31.61 5.10
CA LEU A 23 -11.31 -31.43 3.65
C LEU A 23 -9.89 -31.18 3.19
N LEU A 24 -9.02 -30.68 4.07
CA LEU A 24 -7.61 -30.59 3.75
C LEU A 24 -6.92 -31.94 3.78
N LYS A 25 -7.62 -32.99 4.21
CA LYS A 25 -7.18 -34.36 4.05
C LYS A 25 -7.70 -34.99 2.75
N THR A 26 -7.94 -34.15 1.74
CA THR A 26 -8.46 -34.62 0.46
C THR A 26 -7.33 -35.12 -0.42
N SER A 27 -7.44 -36.37 -0.87
CA SER A 27 -6.45 -36.92 -1.78
C SER A 27 -6.55 -36.23 -3.14
N LEU A 28 -5.44 -36.29 -3.89
CA LEU A 28 -5.34 -35.63 -5.19
C LEU A 28 -5.66 -36.63 -6.29
N ARG A 29 -6.66 -36.29 -7.10
N ARG A 29 -6.65 -36.28 -7.12
CA ARG A 29 -7.05 -37.10 -8.26
CA ARG A 29 -7.06 -37.08 -8.26
C ARG A 29 -6.75 -36.32 -9.54
C ARG A 29 -6.76 -36.32 -9.54
N LYS A 30 -6.22 -37.04 -10.53
CA LYS A 30 -5.92 -36.41 -11.82
C LYS A 30 -7.18 -35.81 -12.42
N GLY A 31 -7.04 -34.61 -12.98
CA GLY A 31 -8.18 -33.94 -13.58
C GLY A 31 -9.17 -33.35 -12.60
N ASP A 32 -8.82 -33.22 -11.32
CA ASP A 32 -9.68 -32.57 -10.35
C ASP A 32 -9.30 -31.10 -10.20
N THR A 33 -10.31 -30.27 -9.93
CA THR A 33 -10.14 -28.83 -9.84
C THR A 33 -9.92 -28.43 -8.39
N TRP A 34 -8.82 -27.72 -8.13
CA TRP A 34 -8.49 -27.22 -6.80
C TRP A 34 -8.46 -25.70 -6.84
N TYR A 35 -8.88 -25.07 -5.75
CA TYR A 35 -8.92 -23.62 -5.61
C TYR A 35 -8.05 -23.21 -4.44
N LEU A 36 -7.05 -22.37 -4.71
CA LEU A 36 -6.16 -21.92 -3.64
C LEU A 36 -6.65 -20.59 -3.05
N VAL A 37 -6.23 -20.34 -1.81
CA VAL A 37 -6.66 -19.18 -1.05
C VAL A 37 -5.43 -18.50 -0.44
N ASP A 38 -5.40 -17.17 -0.52
CA ASP A 38 -4.33 -16.37 0.06
C ASP A 38 -4.13 -16.74 1.52
N SER A 39 -2.90 -17.07 1.88
CA SER A 39 -2.60 -17.49 3.25
C SER A 39 -2.82 -16.35 4.24
N ARG A 40 -2.63 -15.11 3.81
CA ARG A 40 -2.90 -13.96 4.68
C ARG A 40 -4.32 -14.02 5.25
N TRP A 41 -5.29 -14.38 4.40
CA TRP A 41 -6.68 -14.45 4.83
C TRP A 41 -6.99 -15.76 5.56
N PHE A 42 -6.44 -16.87 5.08
CA PHE A 42 -6.73 -18.16 5.72
C PHE A 42 -6.17 -18.22 7.14
N LYS A 43 -5.03 -17.58 7.37
CA LYS A 43 -4.51 -17.49 8.74
C LYS A 43 -5.49 -16.73 9.64
N GLN A 44 -5.83 -15.50 9.26
CA GLN A 44 -6.84 -14.74 9.98
C GLN A 44 -8.21 -15.40 9.91
N TRP A 45 -8.39 -16.41 9.06
CA TRP A 45 -9.58 -17.25 9.14
C TRP A 45 -9.42 -18.31 10.22
N LYS A 46 -8.25 -18.94 10.30
CA LYS A 46 -7.97 -19.94 11.34
C LYS A 46 -8.27 -19.38 12.73
N LYS A 47 -7.72 -18.21 13.05
CA LYS A 47 -7.89 -17.63 14.37
C LYS A 47 -9.35 -17.38 14.69
N TYR A 48 -10.11 -16.85 13.72
CA TYR A 48 -11.51 -16.55 13.96
C TYR A 48 -12.30 -17.82 14.25
N VAL A 49 -11.97 -18.92 13.57
CA VAL A 49 -12.66 -20.18 13.77
C VAL A 49 -11.99 -21.06 14.81
N GLY A 50 -10.84 -20.66 15.33
CA GLY A 50 -10.11 -21.49 16.28
C GLY A 50 -9.63 -22.78 15.65
N PHE A 51 -8.72 -22.68 14.68
CA PHE A 51 -8.26 -23.86 13.95
C PHE A 51 -7.56 -24.86 14.87
N ASP A 52 -6.40 -24.48 15.40
CA ASP A 52 -5.62 -25.40 16.19
C ASP A 52 -6.14 -25.45 17.63
N SER A 53 -5.67 -26.44 18.37
CA SER A 53 -6.16 -26.72 19.72
C SER A 53 -5.67 -25.71 20.75
N TRP A 54 -4.88 -24.71 20.35
CA TRP A 54 -4.16 -23.90 21.31
C TRP A 54 -4.12 -22.41 20.95
N ASP A 55 -4.96 -21.96 20.01
CA ASP A 55 -4.95 -20.55 19.58
C ASP A 55 -6.34 -19.92 19.66
N LYS A 56 -7.24 -20.51 20.45
CA LYS A 56 -8.62 -20.06 20.49
C LYS A 56 -8.83 -18.81 21.35
N TYR A 57 -7.76 -18.06 21.61
CA TYR A 57 -7.88 -16.78 22.29
C TYR A 57 -8.72 -15.80 21.45
N GLN A 58 -8.27 -15.52 20.24
CA GLN A 58 -8.96 -14.61 19.33
C GLN A 58 -10.20 -15.22 18.72
N MET A 59 -10.50 -16.48 19.03
CA MET A 59 -11.64 -17.18 18.44
C MET A 59 -12.94 -16.44 18.68
N GLY A 60 -13.51 -15.87 17.63
CA GLY A 60 -14.75 -15.12 17.72
C GLY A 60 -14.61 -13.63 17.83
N ASP A 61 -13.39 -13.09 17.82
CA ASP A 61 -13.22 -11.65 17.90
C ASP A 61 -13.56 -11.00 16.56
N GLN A 62 -14.24 -9.85 16.61
CA GLN A 62 -14.63 -9.16 15.39
C GLN A 62 -13.42 -8.61 14.64
N ASN A 63 -12.40 -8.16 15.36
CA ASN A 63 -11.19 -7.65 14.71
C ASN A 63 -10.52 -8.74 13.89
N VAL A 64 -10.58 -10.00 14.37
CA VAL A 64 -10.00 -11.12 13.64
C VAL A 64 -10.97 -11.73 12.63
N TYR A 65 -12.15 -11.17 12.46
CA TYR A 65 -13.09 -11.67 11.46
C TYR A 65 -12.41 -11.64 10.09
N PRO A 66 -12.49 -12.72 9.31
CA PRO A 66 -11.68 -12.77 8.07
C PRO A 66 -12.07 -11.73 7.05
N GLY A 67 -13.36 -11.55 6.80
CA GLY A 67 -13.82 -10.66 5.76
C GLY A 67 -13.84 -11.36 4.42
N PRO A 68 -14.00 -10.61 3.34
CA PRO A 68 -14.05 -11.23 2.01
C PRO A 68 -12.75 -11.94 1.67
N ILE A 69 -12.86 -12.99 0.86
CA ILE A 69 -11.68 -13.73 0.41
C ILE A 69 -10.87 -12.81 -0.48
N ASP A 70 -9.72 -12.36 0.01
CA ASP A 70 -8.91 -11.34 -0.67
C ASP A 70 -7.61 -12.01 -1.13
N ASN A 71 -7.58 -12.36 -2.42
CA ASN A 71 -6.40 -12.95 -3.05
C ASN A 71 -5.61 -11.93 -3.86
N SER A 72 -5.76 -10.64 -3.55
CA SER A 72 -5.12 -9.59 -4.33
C SER A 72 -3.59 -9.65 -4.24
N GLY A 73 -3.06 -10.22 -3.15
CA GLY A 73 -1.63 -10.38 -3.03
C GLY A 73 -1.03 -11.48 -3.87
N LEU A 74 -1.86 -12.35 -4.45
CA LEU A 74 -1.38 -13.50 -5.19
C LEU A 74 -1.16 -13.21 -6.68
N LEU A 75 -1.86 -12.22 -7.22
CA LEU A 75 -1.82 -11.87 -8.62
C LEU A 75 -1.34 -10.43 -8.80
N LYS A 76 -0.97 -10.10 -10.03
CA LYS A 76 -0.62 -8.72 -10.37
C LYS A 76 -1.07 -8.45 -11.79
N ASP A 77 -1.49 -7.21 -12.04
CA ASP A 77 -1.87 -6.74 -13.38
C ASP A 77 -2.91 -7.65 -14.03
N GLY A 78 -3.74 -8.29 -13.22
CA GLY A 78 -4.86 -9.05 -13.73
C GLY A 78 -6.16 -8.64 -13.08
N ASP A 79 -7.03 -8.01 -13.86
CA ASP A 79 -8.25 -7.42 -13.31
C ASP A 79 -9.47 -7.86 -14.09
N GLN A 81 -6.92 -11.86 -14.22
CA GLN A 81 -6.18 -12.10 -12.98
C GLN A 81 -4.90 -12.89 -13.23
N SER A 82 -3.80 -12.15 -13.41
CA SER A 82 -2.51 -12.72 -13.75
C SER A 82 -1.72 -12.99 -12.48
N LEU A 83 -1.50 -14.28 -12.18
CA LEU A 83 -0.94 -14.67 -10.90
C LEU A 83 0.53 -14.30 -10.78
N LYS A 84 0.89 -13.71 -9.65
CA LYS A 84 2.28 -13.37 -9.36
C LYS A 84 3.13 -14.62 -9.31
N GLU A 85 4.25 -14.60 -10.05
CA GLU A 85 5.07 -15.81 -10.16
C GLU A 85 5.80 -16.10 -8.86
N HIS A 86 6.21 -17.36 -8.72
CA HIS A 86 7.13 -17.81 -7.68
C HIS A 86 6.48 -17.80 -6.29
N LEU A 87 5.23 -18.22 -6.21
CA LEU A 87 4.60 -18.36 -4.91
C LEU A 87 5.01 -19.68 -4.26
N ILE A 88 4.59 -19.88 -3.02
CA ILE A 88 5.01 -21.02 -2.21
C ILE A 88 3.77 -21.74 -1.70
N ASP A 89 3.78 -23.08 -1.80
CA ASP A 89 2.68 -23.88 -1.27
C ASP A 89 2.79 -23.98 0.24
N GLU A 90 1.63 -24.02 0.90
CA GLU A 90 1.45 -24.22 2.34
C GLU A 90 2.01 -23.06 3.16
N LEU A 91 2.61 -22.06 2.52
CA LEU A 91 3.06 -20.84 3.18
C LEU A 91 2.41 -19.59 2.61
N ASP A 92 2.50 -19.40 1.29
CA ASP A 92 1.90 -18.27 0.60
C ASP A 92 0.51 -18.60 0.07
N TYR A 93 0.37 -19.74 -0.59
CA TYR A 93 -0.91 -20.26 -1.02
C TYR A 93 -1.13 -21.63 -0.41
N ILE A 94 -2.34 -21.88 0.07
CA ILE A 94 -2.73 -23.19 0.55
C ILE A 94 -3.73 -23.76 -0.44
N LEU A 95 -3.71 -25.08 -0.59
CA LEU A 95 -4.54 -25.75 -1.58
C LEU A 95 -5.80 -26.26 -0.91
N LEU A 96 -6.94 -25.65 -1.25
CA LEU A 96 -8.29 -26.03 -0.88
C LEU A 96 -8.97 -26.75 -2.04
N PRO A 97 -9.71 -27.81 -1.78
CA PRO A 97 -10.34 -28.56 -2.88
C PRO A 97 -11.45 -27.76 -3.55
N THR A 98 -12.16 -28.39 -4.49
CA THR A 98 -13.38 -27.78 -5.02
C THR A 98 -14.41 -27.62 -3.91
N GLU A 99 -14.74 -28.73 -3.23
CA GLU A 99 -15.79 -28.72 -2.21
C GLU A 99 -15.52 -27.69 -1.12
N GLY A 100 -14.29 -27.62 -0.64
CA GLY A 100 -13.99 -26.68 0.44
C GLY A 100 -14.08 -25.23 0.00
N TRP A 101 -13.59 -24.93 -1.20
CA TRP A 101 -13.56 -23.55 -1.66
C TRP A 101 -14.94 -22.92 -1.67
N ASN A 102 -15.92 -23.60 -2.26
CA ASN A 102 -17.27 -23.03 -2.34
C ASN A 102 -17.87 -22.82 -0.96
N LYS A 103 -17.45 -23.62 0.04
CA LYS A 103 -17.96 -23.45 1.39
C LYS A 103 -17.48 -22.12 1.98
N LEU A 104 -16.22 -21.76 1.75
CA LEU A 104 -15.68 -20.55 2.38
C LEU A 104 -16.30 -19.29 1.78
N VAL A 105 -16.55 -19.28 0.46
CA VAL A 105 -17.27 -18.17 -0.14
C VAL A 105 -18.70 -18.09 0.39
N SER A 106 -19.27 -19.22 0.83
CA SER A 106 -20.59 -19.22 1.42
C SER A 106 -20.63 -18.57 2.81
N TRP A 107 -19.51 -18.11 3.34
CA TRP A 107 -19.47 -17.53 4.67
C TRP A 107 -18.78 -16.18 4.67
N TYR A 108 -17.74 -16.04 3.84
CA TYR A 108 -16.89 -14.87 3.78
C TYR A 108 -16.78 -14.39 2.33
N THR A 109 -17.95 -14.18 1.73
CA THR A 109 -18.13 -14.05 0.28
C THR A 109 -16.98 -13.33 -0.40
N LEU A 110 -16.57 -13.87 -1.55
CA LEU A 110 -15.36 -13.44 -2.23
C LEU A 110 -15.36 -11.93 -2.41
N MET A 111 -14.15 -11.37 -2.42
CA MET A 111 -13.93 -9.93 -2.51
C MET A 111 -14.69 -9.32 -3.69
N GLU A 112 -15.01 -8.05 -3.56
CA GLU A 112 -15.59 -7.27 -4.64
C GLU A 112 -14.57 -7.05 -5.74
N GLY A 113 -14.90 -7.51 -6.94
CA GLY A 113 -14.00 -7.36 -8.07
C GLY A 113 -12.85 -8.35 -8.08
N GLN A 114 -13.16 -9.63 -7.90
CA GLN A 114 -12.16 -10.68 -7.94
C GLN A 114 -12.82 -11.97 -8.42
N GLU A 115 -11.98 -12.86 -8.96
CA GLU A 115 -12.45 -14.14 -9.47
C GLU A 115 -11.72 -15.28 -8.78
N PRO A 116 -12.36 -16.45 -8.66
CA PRO A 116 -11.67 -17.61 -8.08
C PRO A 116 -10.46 -18.02 -8.91
N ILE A 117 -9.51 -18.68 -8.26
CA ILE A 117 -8.31 -19.18 -8.90
C ILE A 117 -8.49 -20.68 -9.13
N ALA A 118 -8.70 -21.07 -10.40
CA ALA A 118 -8.95 -22.45 -10.77
C ALA A 118 -7.71 -23.01 -11.45
N ARG A 119 -6.94 -23.81 -10.72
CA ARG A 119 -5.88 -24.64 -11.28
C ARG A 119 -6.15 -26.08 -10.90
N LYS A 120 -5.83 -27.00 -11.80
CA LYS A 120 -6.26 -28.38 -11.65
C LYS A 120 -5.07 -29.31 -11.41
N VAL A 121 -5.40 -30.55 -11.09
CA VAL A 121 -4.40 -31.57 -10.75
C VAL A 121 -3.79 -32.12 -12.04
N VAL A 122 -2.52 -32.51 -11.95
CA VAL A 122 -1.85 -33.29 -12.99
C VAL A 122 -1.32 -34.57 -12.35
N GLU A 123 -0.77 -35.44 -13.20
CA GLU A 123 -0.19 -36.69 -12.74
C GLU A 123 1.19 -36.84 -13.35
N GLN A 124 2.13 -37.32 -12.54
CA GLN A 124 3.51 -37.54 -12.97
C GLN A 124 3.82 -39.02 -12.84
N GLY A 125 3.85 -39.72 -13.97
CA GLY A 125 4.25 -41.11 -13.98
C GLY A 125 5.74 -41.26 -14.16
N MET A 126 6.39 -41.97 -13.25
CA MET A 126 7.85 -42.13 -13.28
C MET A 126 8.18 -43.62 -13.24
N PHE A 127 8.66 -44.13 -14.37
CA PHE A 127 9.11 -45.53 -14.46
C PHE A 127 10.48 -45.63 -13.80
N VAL A 128 10.54 -46.20 -12.61
CA VAL A 128 11.82 -46.55 -12.01
C VAL A 128 12.21 -47.94 -12.48
N LYS A 129 13.44 -48.08 -12.97
CA LYS A 129 13.86 -49.33 -13.61
C LYS A 129 15.33 -49.56 -13.32
N HIS A 130 15.65 -50.65 -12.66
CA HIS A 130 17.02 -51.09 -12.48
C HIS A 130 17.17 -52.48 -13.09
N CYS A 131 18.28 -52.71 -13.78
CA CYS A 131 18.51 -53.99 -14.42
C CYS A 131 18.88 -55.05 -13.39
N LYS A 132 18.44 -56.28 -13.62
CA LYS A 132 18.68 -57.37 -12.68
C LYS A 132 18.74 -58.67 -13.46
N VAL A 133 19.70 -59.52 -13.10
CA VAL A 133 19.88 -60.80 -13.77
C VAL A 133 18.79 -61.74 -13.28
N GLU A 134 17.81 -62.02 -14.13
CA GLU A 134 16.71 -62.91 -13.76
C GLU A 134 17.21 -64.36 -13.70
N VAL A 135 17.65 -64.79 -12.53
CA VAL A 135 18.19 -66.14 -12.37
C VAL A 135 17.06 -67.16 -12.24
N TYR A 136 16.21 -66.98 -11.23
CA TYR A 136 15.11 -67.92 -10.99
C TYR A 136 13.94 -67.56 -11.90
N LEU A 137 12.82 -68.26 -11.72
CA LEU A 137 11.61 -68.06 -12.52
C LEU A 137 11.91 -68.19 -14.01
N THR A 138 12.34 -69.41 -14.38
CA THR A 138 12.59 -69.75 -15.77
C THR A 138 12.33 -71.23 -15.99
N ALA B 10 -28.54 13.20 8.97
CA ALA B 10 -28.19 12.18 7.98
C ALA B 10 -29.44 11.46 7.49
N ALA B 11 -30.00 11.95 6.39
CA ALA B 11 -31.22 11.38 5.83
C ALA B 11 -30.98 9.94 5.39
N ASP B 12 -32.08 9.25 5.07
CA ASP B 12 -31.99 7.86 4.66
C ASP B 12 -31.15 7.72 3.38
N LEU B 13 -30.55 6.54 3.22
CA LEU B 13 -29.61 6.33 2.12
C LEU B 13 -30.29 6.49 0.77
N ASP B 14 -31.49 5.93 0.62
CA ASP B 14 -32.17 5.97 -0.67
C ASP B 14 -32.59 7.37 -1.09
N THR B 15 -32.45 8.38 -0.23
CA THR B 15 -32.58 9.77 -0.67
C THR B 15 -31.23 10.38 -1.00
N GLN B 16 -30.22 10.15 -0.15
CA GLN B 16 -28.89 10.69 -0.39
C GLN B 16 -28.31 10.25 -1.74
N ARG B 17 -28.81 9.16 -2.30
CA ARG B 17 -28.38 8.76 -3.64
C ARG B 17 -29.14 9.53 -4.72
N SER B 18 -30.47 9.57 -4.64
CA SER B 18 -31.26 10.25 -5.67
C SER B 18 -31.09 11.77 -5.61
N ASP B 19 -30.59 12.31 -4.50
CA ASP B 19 -30.25 13.72 -4.45
C ASP B 19 -28.88 13.98 -5.09
N ILE B 20 -27.90 13.16 -4.75
CA ILE B 20 -26.56 13.32 -5.34
C ILE B 20 -26.63 13.02 -6.83
N ALA B 21 -27.32 11.96 -7.22
CA ALA B 21 -27.53 11.69 -8.65
C ALA B 21 -28.22 12.87 -9.33
N THR B 22 -29.15 13.52 -8.64
CA THR B 22 -29.80 14.70 -9.21
C THR B 22 -28.83 15.86 -9.34
N LEU B 23 -28.00 16.09 -8.32
CA LEU B 23 -27.05 17.21 -8.34
C LEU B 23 -25.82 16.91 -9.18
N LEU B 24 -25.49 15.64 -9.40
CA LEU B 24 -24.39 15.30 -10.30
C LEU B 24 -24.71 15.69 -11.74
N LYS B 25 -25.98 15.62 -12.12
CA LYS B 25 -26.40 16.01 -13.47
C LYS B 25 -26.96 17.43 -13.39
N THR B 26 -26.05 18.40 -13.38
CA THR B 26 -26.41 19.82 -13.35
C THR B 26 -25.70 20.54 -14.50
N SER B 27 -26.46 21.30 -15.27
CA SER B 27 -25.90 22.11 -16.35
C SER B 27 -25.09 23.24 -15.72
N LEU B 28 -23.77 23.05 -15.66
CA LEU B 28 -22.90 24.06 -15.06
C LEU B 28 -22.96 25.37 -15.84
N ARG B 29 -22.90 26.49 -15.11
CA ARG B 29 -22.91 27.81 -15.70
C ARG B 29 -21.72 28.61 -15.19
N LYS B 30 -21.24 29.52 -16.03
CA LYS B 30 -20.14 30.40 -15.64
C LYS B 30 -20.57 31.28 -14.47
N GLY B 31 -19.83 31.17 -13.37
CA GLY B 31 -20.18 31.83 -12.13
C GLY B 31 -20.52 30.88 -11.01
N ASP B 32 -20.80 29.62 -11.32
CA ASP B 32 -21.01 28.60 -10.30
C ASP B 32 -19.73 28.37 -9.50
N THR B 33 -19.83 27.50 -8.50
CA THR B 33 -18.67 27.05 -7.73
C THR B 33 -18.90 25.58 -7.40
N TRP B 34 -18.37 24.70 -8.26
CA TRP B 34 -18.49 23.26 -8.05
C TRP B 34 -17.41 22.79 -7.09
N TYR B 35 -17.72 21.72 -6.36
CA TYR B 35 -16.85 21.17 -5.33
C TYR B 35 -16.46 19.74 -5.70
N LEU B 36 -15.20 19.41 -5.50
CA LEU B 36 -14.65 18.12 -5.92
C LEU B 36 -14.28 17.28 -4.69
N VAL B 37 -14.59 15.99 -4.78
CA VAL B 37 -14.37 15.04 -3.69
C VAL B 37 -13.54 13.88 -4.23
N ASP B 38 -12.62 13.38 -3.41
CA ASP B 38 -11.78 12.25 -3.80
C ASP B 38 -12.65 11.07 -4.21
N SER B 39 -12.54 10.68 -5.49
CA SER B 39 -13.40 9.63 -6.03
C SER B 39 -13.23 8.32 -5.29
N ARG B 40 -11.99 7.94 -4.98
CA ARG B 40 -11.73 6.68 -4.28
C ARG B 40 -12.54 6.60 -2.99
N TRP B 41 -12.76 7.74 -2.32
CA TRP B 41 -13.67 7.77 -1.18
C TRP B 41 -15.12 7.71 -1.65
N PHE B 42 -15.45 8.40 -2.73
CA PHE B 42 -16.81 8.39 -3.26
C PHE B 42 -17.26 6.98 -3.64
N LYS B 43 -16.32 6.09 -3.93
CA LYS B 43 -16.66 4.68 -4.18
C LYS B 43 -17.35 4.07 -2.97
N GLN B 44 -16.65 4.04 -1.83
CA GLN B 44 -17.22 3.49 -0.60
C GLN B 44 -18.54 4.17 -0.27
N TRP B 45 -18.67 5.46 -0.59
CA TRP B 45 -19.94 6.15 -0.40
C TRP B 45 -21.01 5.56 -1.32
N LYS B 46 -20.70 5.45 -2.62
CA LYS B 46 -21.63 4.84 -3.56
C LYS B 46 -22.09 3.47 -3.08
N LYS B 47 -21.15 2.67 -2.56
CA LYS B 47 -21.50 1.36 -2.02
C LYS B 47 -22.40 1.49 -0.81
N TYR B 48 -22.13 2.50 0.04
CA TYR B 48 -22.87 2.64 1.28
C TYR B 48 -24.31 3.08 1.05
N VAL B 49 -24.58 3.76 -0.06
CA VAL B 49 -25.89 4.35 -0.32
C VAL B 49 -26.68 3.59 -1.37
N GLY B 50 -26.11 2.53 -1.95
CA GLY B 50 -26.83 1.83 -2.99
C GLY B 50 -26.90 2.54 -4.32
N PHE B 51 -26.13 3.61 -4.50
CA PHE B 51 -26.00 4.23 -5.82
C PHE B 51 -25.40 3.22 -6.77
N ASP B 52 -25.57 3.46 -8.08
CA ASP B 52 -25.27 2.47 -9.10
C ASP B 52 -26.10 1.20 -8.85
N SER B 53 -27.40 1.33 -9.12
CA SER B 53 -28.38 0.44 -8.51
C SER B 53 -28.30 -0.99 -9.05
N TRP B 54 -27.13 -1.60 -8.93
CA TRP B 54 -26.98 -3.05 -9.06
C TRP B 54 -25.88 -3.60 -8.14
N ASP B 55 -25.24 -2.77 -7.32
CA ASP B 55 -24.21 -3.23 -6.39
C ASP B 55 -24.61 -2.98 -4.94
N LYS B 56 -25.91 -2.98 -4.68
CA LYS B 56 -26.43 -2.73 -3.33
C LYS B 56 -26.15 -3.87 -2.36
N TYR B 57 -25.33 -4.84 -2.77
CA TYR B 57 -25.00 -5.98 -1.91
C TYR B 57 -24.48 -5.50 -0.55
N GLN B 58 -23.52 -4.58 -0.57
CA GLN B 58 -22.88 -4.07 0.63
C GLN B 58 -23.51 -2.79 1.14
N MET B 59 -24.72 -2.47 0.66
CA MET B 59 -25.42 -1.26 1.07
C MET B 59 -25.71 -1.28 2.56
N GLY B 60 -25.25 -0.26 3.27
CA GLY B 60 -25.46 -0.15 4.69
C GLY B 60 -24.50 -0.94 5.55
N ASP B 61 -23.56 -1.66 4.96
CA ASP B 61 -22.61 -2.44 5.76
C ASP B 61 -21.64 -1.52 6.49
N GLN B 62 -21.03 -2.05 7.55
CA GLN B 62 -20.13 -1.25 8.37
C GLN B 62 -18.77 -1.07 7.69
N ASN B 63 -18.08 -2.18 7.39
CA ASN B 63 -16.76 -2.16 6.78
C ASN B 63 -16.73 -1.46 5.42
N VAL B 64 -17.87 -0.96 4.95
CA VAL B 64 -17.96 -0.17 3.73
C VAL B 64 -18.34 1.28 4.01
N TYR B 65 -18.50 1.66 5.28
CA TYR B 65 -18.88 3.02 5.62
C TYR B 65 -17.91 4.01 4.97
N PRO B 66 -18.41 5.09 4.36
CA PRO B 66 -17.49 6.03 3.70
C PRO B 66 -16.59 6.75 4.69
N GLY B 67 -17.05 6.93 5.92
CA GLY B 67 -16.22 7.52 6.96
C GLY B 67 -16.01 9.00 6.73
N PRO B 68 -14.90 9.52 7.24
CA PRO B 68 -14.59 10.94 7.05
C PRO B 68 -14.26 11.26 5.61
N ILE B 69 -14.71 12.44 5.16
CA ILE B 69 -14.48 12.86 3.78
C ILE B 69 -12.98 13.08 3.61
N ASP B 70 -12.32 12.13 2.97
CA ASP B 70 -10.87 12.07 2.93
C ASP B 70 -10.36 12.67 1.62
N ASN B 71 -9.34 13.51 1.72
CA ASN B 71 -8.63 14.03 0.57
C ASN B 71 -7.12 13.82 0.72
N SER B 72 -6.72 12.82 1.52
CA SER B 72 -5.32 12.50 1.74
C SER B 72 -4.63 11.96 0.50
N GLY B 73 -5.36 11.81 -0.61
CA GLY B 73 -4.76 11.48 -1.89
C GLY B 73 -5.28 12.40 -2.97
N LEU B 74 -5.67 13.61 -2.57
CA LEU B 74 -6.26 14.56 -3.49
C LEU B 74 -5.53 15.90 -3.45
N ASP B 77 1.44 17.40 -2.39
CA ASP B 77 1.81 16.80 -1.11
C ASP B 77 1.39 17.70 0.05
N GLY B 78 0.71 18.79 -0.27
CA GLY B 78 0.30 19.76 0.74
C GLY B 78 -0.70 19.21 1.75
N SER B 82 -3.56 23.21 -1.41
CA SER B 82 -2.59 23.10 -2.49
C SER B 82 -2.96 21.97 -3.45
N LEU B 83 -3.42 22.34 -4.64
CA LEU B 83 -3.85 21.35 -5.62
C LEU B 83 -2.70 20.42 -6.00
N LYS B 84 -3.01 19.13 -6.10
CA LYS B 84 -2.06 18.19 -6.66
C LYS B 84 -1.86 18.48 -8.15
N GLU B 85 -1.00 17.72 -8.80
CA GLU B 85 -0.63 17.97 -10.17
C GLU B 85 -1.17 16.88 -11.09
N HIS B 86 -1.62 17.30 -12.28
CA HIS B 86 -2.01 16.40 -13.36
C HIS B 86 -3.07 15.40 -12.90
N LEU B 87 -4.23 15.95 -12.51
CA LEU B 87 -5.36 15.13 -12.13
C LEU B 87 -6.28 14.90 -13.33
N ILE B 88 -7.21 13.97 -13.18
CA ILE B 88 -8.11 13.56 -14.25
C ILE B 88 -9.53 13.47 -13.69
N ASP B 89 -10.46 14.17 -14.33
CA ASP B 89 -11.84 14.18 -13.89
C ASP B 89 -12.48 12.80 -14.09
N GLU B 90 -13.45 12.50 -13.23
CA GLU B 90 -14.20 11.25 -13.22
C GLU B 90 -13.32 10.02 -13.08
N LEU B 91 -12.04 10.21 -12.78
CA LEU B 91 -11.09 9.13 -12.57
C LEU B 91 -10.35 9.24 -11.25
N ASP B 92 -10.07 10.46 -10.80
CA ASP B 92 -9.52 10.71 -9.48
C ASP B 92 -10.46 11.45 -8.56
N TYR B 93 -11.50 12.07 -9.11
CA TYR B 93 -12.42 12.92 -8.37
C TYR B 93 -13.66 13.11 -9.21
N ILE B 94 -14.71 13.62 -8.58
CA ILE B 94 -15.92 14.06 -9.27
C ILE B 94 -16.14 15.53 -8.93
N LEU B 95 -17.14 16.12 -9.57
CA LEU B 95 -17.49 17.52 -9.36
C LEU B 95 -18.95 17.60 -8.91
N LEU B 96 -19.21 18.38 -7.87
CA LEU B 96 -20.55 18.60 -7.38
C LEU B 96 -20.74 20.08 -7.08
N PRO B 97 -21.89 20.65 -7.42
CA PRO B 97 -22.17 22.05 -7.04
C PRO B 97 -22.08 22.24 -5.53
N THR B 98 -22.00 23.52 -5.14
CA THR B 98 -21.81 23.89 -3.73
C THR B 98 -22.84 23.24 -2.83
N GLU B 99 -24.09 23.13 -3.32
CA GLU B 99 -25.18 22.60 -2.52
C GLU B 99 -24.90 21.17 -2.08
N GLY B 100 -24.69 20.27 -3.04
CA GLY B 100 -24.47 18.88 -2.71
C GLY B 100 -23.21 18.66 -1.89
N TRP B 101 -22.21 19.53 -2.05
CA TRP B 101 -21.02 19.45 -1.24
C TRP B 101 -21.35 19.55 0.24
N ASN B 102 -21.96 20.67 0.64
CA ASN B 102 -22.29 20.90 2.03
C ASN B 102 -23.16 19.78 2.60
N LYS B 103 -24.01 19.18 1.76
CA LYS B 103 -24.85 18.08 2.21
C LYS B 103 -23.99 16.90 2.66
N LEU B 104 -23.09 16.45 1.80
CA LEU B 104 -22.23 15.31 2.15
C LEU B 104 -21.33 15.63 3.34
N VAL B 105 -20.74 16.83 3.36
CA VAL B 105 -19.93 17.23 4.51
C VAL B 105 -20.75 17.26 5.78
N SER B 106 -21.98 17.75 5.70
CA SER B 106 -22.87 17.76 6.86
C SER B 106 -23.28 16.36 7.30
N TRP B 107 -22.97 15.32 6.52
CA TRP B 107 -23.38 13.98 6.83
C TRP B 107 -22.24 12.99 7.03
N TYR B 108 -21.03 13.28 6.52
CA TYR B 108 -19.98 12.28 6.52
C TYR B 108 -18.65 12.80 7.06
N THR B 109 -18.68 13.84 7.88
CA THR B 109 -17.59 14.19 8.79
C THR B 109 -16.27 14.41 8.04
N LEU B 110 -16.25 15.49 7.26
CA LEU B 110 -15.05 15.90 6.53
C LEU B 110 -13.80 15.67 7.38
N MET B 111 -12.84 14.94 6.82
CA MET B 111 -11.71 14.43 7.59
C MET B 111 -10.95 15.57 8.27
N GLU B 112 -10.52 15.30 9.50
CA GLU B 112 -9.82 16.30 10.30
C GLU B 112 -8.51 16.70 9.64
N GLY B 113 -8.42 17.97 9.23
CA GLY B 113 -7.23 18.47 8.57
C GLY B 113 -7.39 18.66 7.07
N GLN B 114 -8.52 19.23 6.65
CA GLN B 114 -8.76 19.48 5.24
C GLN B 114 -9.68 20.70 5.10
N GLU B 115 -9.67 21.27 3.90
CA GLU B 115 -10.49 22.42 3.56
C GLU B 115 -11.45 22.07 2.43
N PRO B 116 -12.54 22.83 2.26
CA PRO B 116 -13.46 22.53 1.15
C PRO B 116 -12.85 22.82 -0.21
N ILE B 117 -12.10 21.86 -0.73
CA ILE B 117 -11.46 22.01 -2.04
C ILE B 117 -12.54 22.26 -3.09
N ALA B 118 -12.50 23.44 -3.69
CA ALA B 118 -13.45 23.82 -4.73
C ALA B 118 -12.85 24.97 -5.52
N ARG B 119 -13.14 25.01 -6.81
CA ARG B 119 -12.59 26.02 -7.71
C ARG B 119 -13.73 26.70 -8.47
N LYS B 120 -13.37 27.57 -9.38
CA LYS B 120 -14.34 28.36 -10.14
C LYS B 120 -14.55 27.75 -11.52
N VAL B 121 -15.74 27.95 -12.06
CA VAL B 121 -16.07 27.50 -13.41
C VAL B 121 -15.68 28.57 -14.40
N VAL B 122 -15.35 28.15 -15.62
CA VAL B 122 -14.97 29.07 -16.69
C VAL B 122 -15.65 28.64 -17.98
N GLU B 123 -15.91 29.63 -18.84
CA GLU B 123 -16.34 29.39 -20.20
C GLU B 123 -15.15 29.61 -21.12
N GLN B 124 -14.97 28.69 -22.07
CA GLN B 124 -13.85 28.80 -23.00
C GLN B 124 -14.22 28.10 -24.29
N GLY B 125 -13.44 28.39 -25.32
CA GLY B 125 -13.69 27.81 -26.63
C GLY B 125 -12.61 28.13 -27.64
N MET B 126 -13.01 28.53 -28.83
CA MET B 126 -12.07 28.86 -29.89
C MET B 126 -12.74 29.82 -30.86
N PHE B 127 -12.05 30.12 -31.94
CA PHE B 127 -12.56 30.93 -33.04
C PHE B 127 -12.51 30.18 -34.35
N VAL B 128 -13.53 30.40 -35.18
CA VAL B 128 -13.59 29.80 -36.50
C VAL B 128 -13.64 30.93 -37.53
N LYS B 129 -13.24 30.58 -38.75
CA LYS B 129 -13.23 31.51 -39.86
C LYS B 129 -13.03 30.72 -41.16
N HIS B 130 -13.84 31.02 -42.18
CA HIS B 130 -13.72 30.30 -43.45
C HIS B 130 -13.79 31.19 -44.67
N CYS B 131 -14.17 32.47 -44.53
CA CYS B 131 -14.17 33.43 -45.63
C CYS B 131 -15.07 32.98 -46.78
N LYS B 132 -16.35 32.83 -46.47
CA LYS B 132 -17.33 32.44 -47.46
C LYS B 132 -17.71 33.65 -48.30
N VAL B 133 -17.56 33.52 -49.63
CA VAL B 133 -17.91 34.62 -50.52
C VAL B 133 -19.43 34.74 -50.62
N GLU B 134 -19.92 35.98 -50.51
CA GLU B 134 -21.35 36.24 -50.59
C GLU B 134 -21.79 36.24 -52.05
N VAL B 135 -22.68 35.33 -52.41
CA VAL B 135 -23.28 35.32 -53.74
C VAL B 135 -24.66 35.97 -53.65
N TYR B 136 -25.32 35.81 -52.50
CA TYR B 136 -26.65 36.35 -52.28
C TYR B 136 -26.72 36.94 -50.88
N LEU B 137 -26.96 38.24 -50.80
CA LEU B 137 -26.99 38.97 -49.53
C LEU B 137 -25.69 38.76 -48.77
N ALA C 11 -12.48 -0.54 33.85
CA ALA C 11 -12.79 0.80 34.34
C ALA C 11 -13.00 1.77 33.18
N ASP C 12 -13.21 3.04 33.48
CA ASP C 12 -13.42 4.06 32.47
C ASP C 12 -12.08 4.41 31.82
N LEU C 13 -12.08 5.46 31.00
CA LEU C 13 -10.87 5.93 30.32
C LEU C 13 -10.35 7.26 30.85
N ASP C 14 -11.20 8.11 31.41
CA ASP C 14 -10.73 9.37 31.96
C ASP C 14 -9.95 9.17 33.26
N THR C 15 -10.34 8.17 34.07
CA THR C 15 -9.52 7.79 35.22
C THR C 15 -8.19 7.21 34.76
N GLN C 16 -8.21 6.38 33.71
CA GLN C 16 -6.97 5.98 33.06
C GLN C 16 -6.17 7.20 32.62
N ARG C 17 -6.85 8.21 32.08
CA ARG C 17 -6.19 9.45 31.72
C ARG C 17 -5.64 10.16 32.96
N SER C 18 -6.41 10.20 34.04
CA SER C 18 -5.95 10.85 35.26
C SER C 18 -4.74 10.13 35.85
N ASP C 19 -4.86 8.82 36.07
CA ASP C 19 -3.81 8.08 36.76
C ASP C 19 -2.52 8.07 35.95
N ILE C 20 -2.61 7.76 34.66
CA ILE C 20 -1.41 7.67 33.83
C ILE C 20 -0.74 9.03 33.71
N ALA C 21 -1.53 10.11 33.65
CA ALA C 21 -0.96 11.44 33.73
C ALA C 21 -0.17 11.62 35.03
N THR C 22 -0.76 11.20 36.16
CA THR C 22 -0.07 11.29 37.44
C THR C 22 1.15 10.38 37.48
N LEU C 23 1.05 9.21 36.85
CA LEU C 23 2.14 8.23 36.90
C LEU C 23 3.31 8.61 35.99
N LEU C 24 3.04 9.32 34.89
CA LEU C 24 4.13 9.72 34.01
C LEU C 24 5.05 10.74 34.68
N LYS C 25 4.47 11.76 35.31
CA LYS C 25 5.24 12.77 36.03
C LYS C 25 5.75 12.16 37.34
N THR C 26 6.70 11.23 37.21
CA THR C 26 7.24 10.49 38.33
C THR C 26 8.76 10.65 38.37
N SER C 27 9.28 10.90 39.56
CA SER C 27 10.72 10.95 39.75
C SER C 27 11.34 9.57 39.54
N LEU C 28 12.60 9.57 39.12
CA LEU C 28 13.35 8.34 38.91
C LEU C 28 14.10 7.97 40.20
N ARG C 29 14.69 6.78 40.19
CA ARG C 29 15.44 6.29 41.35
C ARG C 29 16.32 5.12 40.93
N LYS C 30 17.61 5.21 41.23
CA LYS C 30 18.55 4.14 40.94
C LYS C 30 18.03 2.82 41.49
N GLY C 31 17.82 1.85 40.59
CA GLY C 31 17.30 0.55 40.96
C GLY C 31 15.86 0.30 40.58
N ASP C 32 15.16 1.29 40.02
CA ASP C 32 13.78 1.11 39.58
C ASP C 32 13.71 0.60 38.14
N THR C 33 12.58 0.00 37.82
CA THR C 33 12.35 -0.61 36.50
C THR C 33 11.18 0.12 35.84
N TRP C 34 11.49 1.06 34.96
CA TRP C 34 10.47 1.69 34.14
C TRP C 34 10.15 0.81 32.94
N TYR C 35 8.93 0.95 32.45
CA TYR C 35 8.43 0.17 31.32
C TYR C 35 8.11 1.12 30.18
N LEU C 36 8.38 0.68 28.95
CA LEU C 36 8.20 1.52 27.78
C LEU C 36 7.23 0.89 26.81
N VAL C 37 6.39 1.74 26.19
CA VAL C 37 5.31 1.33 25.32
C VAL C 37 5.41 2.11 24.02
N ASP C 38 5.14 1.44 22.90
CA ASP C 38 5.23 2.08 21.59
C ASP C 38 4.33 3.30 21.52
N SER C 39 4.87 4.40 20.98
CA SER C 39 4.12 5.65 20.93
C SER C 39 3.00 5.59 19.89
N ARG C 40 3.31 5.14 18.67
CA ARG C 40 2.33 5.08 17.59
C ARG C 40 1.04 4.40 18.03
N TRP C 41 1.16 3.42 18.94
CA TRP C 41 -0.02 2.82 19.56
C TRP C 41 -0.48 3.63 20.76
N PHE C 42 0.46 4.11 21.58
CA PHE C 42 0.09 4.91 22.75
C PHE C 42 -0.60 6.20 22.34
N LYS C 43 -0.28 6.73 21.15
CA LYS C 43 -1.04 7.86 20.62
C LYS C 43 -2.52 7.54 20.54
N GLN C 44 -2.86 6.32 20.09
CA GLN C 44 -4.26 5.93 20.01
C GLN C 44 -4.88 5.80 21.39
N TRP C 45 -4.08 5.46 22.40
CA TRP C 45 -4.61 5.41 23.76
C TRP C 45 -5.03 6.79 24.23
N LYS C 46 -4.22 7.82 23.94
CA LYS C 46 -4.64 9.19 24.15
C LYS C 46 -5.97 9.47 23.47
N LYS C 47 -5.98 9.36 22.14
CA LYS C 47 -7.17 9.66 21.35
C LYS C 47 -8.36 8.79 21.73
N TYR C 48 -8.12 7.67 22.43
CA TYR C 48 -9.23 6.86 22.93
C TYR C 48 -9.67 7.32 24.32
N VAL C 49 -8.74 7.70 25.19
CA VAL C 49 -9.08 8.17 26.52
C VAL C 49 -9.18 9.69 26.60
N GLY C 50 -9.00 10.39 25.48
CA GLY C 50 -9.05 11.84 25.48
C GLY C 50 -7.99 12.44 26.39
N PHE C 51 -6.75 11.98 26.26
CA PHE C 51 -5.67 12.44 27.13
C PHE C 51 -5.47 13.94 27.04
N ASP C 52 -5.03 14.42 25.89
CA ASP C 52 -4.83 15.85 25.69
C ASP C 52 -6.18 16.56 25.70
N SER C 53 -6.38 17.43 26.68
CA SER C 53 -7.67 18.09 26.87
C SER C 53 -8.06 18.97 25.69
N TRP C 54 -7.11 19.35 24.84
CA TRP C 54 -7.44 20.12 23.66
C TRP C 54 -7.95 19.27 22.51
N ASP C 55 -7.75 17.95 22.57
CA ASP C 55 -8.26 17.01 21.56
C ASP C 55 -8.93 15.85 22.28
N LYS C 56 -10.23 16.01 22.56
CA LYS C 56 -11.04 14.97 23.19
C LYS C 56 -12.22 14.58 22.30
N TYR C 57 -12.13 14.84 21.00
CA TYR C 57 -13.27 14.68 20.10
C TYR C 57 -13.75 13.24 20.04
N GLN C 58 -12.86 12.33 19.61
CA GLN C 58 -13.22 10.98 19.24
C GLN C 58 -12.85 9.96 20.31
N MET C 59 -12.93 10.32 21.60
CA MET C 59 -12.47 9.44 22.65
C MET C 59 -13.51 8.41 23.06
N GLY C 60 -14.47 8.11 22.21
CA GLY C 60 -15.40 7.03 22.46
C GLY C 60 -15.61 6.13 21.25
N ASP C 61 -15.10 6.56 20.10
CA ASP C 61 -15.37 5.89 18.84
C ASP C 61 -14.74 4.49 18.82
N GLN C 62 -15.02 3.76 17.74
CA GLN C 62 -14.58 2.37 17.64
C GLN C 62 -13.23 2.23 16.96
N ASN C 63 -13.09 2.72 15.72
CA ASN C 63 -11.83 2.57 14.97
C ASN C 63 -10.67 3.28 15.64
N VAL C 64 -10.90 3.92 16.79
CA VAL C 64 -9.83 4.50 17.59
C VAL C 64 -9.40 3.60 18.74
N TYR C 65 -10.12 2.52 18.99
CA TYR C 65 -9.76 1.64 20.09
C TYR C 65 -8.40 1.00 19.81
N PRO C 66 -7.33 1.37 20.52
CA PRO C 66 -6.02 0.76 20.24
C PRO C 66 -5.96 -0.71 20.62
N GLY C 67 -6.96 -1.22 21.32
CA GLY C 67 -7.04 -2.63 21.63
C GLY C 67 -5.82 -3.14 22.35
N PRO C 68 -5.15 -4.12 21.76
CA PRO C 68 -3.98 -4.71 22.41
C PRO C 68 -2.74 -3.83 22.35
N ILE C 69 -1.88 -4.01 23.35
CA ILE C 69 -0.59 -3.33 23.39
C ILE C 69 0.31 -3.94 22.31
N ASP C 70 0.62 -3.16 21.29
CA ASP C 70 1.45 -3.61 20.17
C ASP C 70 2.71 -2.75 20.11
N ASN C 71 3.86 -3.37 20.34
CA ASN C 71 5.16 -2.71 20.24
C ASN C 71 5.97 -3.29 19.09
N SER C 72 5.29 -3.59 17.96
CA SER C 72 5.97 -4.22 16.84
C SER C 72 7.11 -3.36 16.31
N GLY C 73 6.94 -2.04 16.33
CA GLY C 73 7.92 -1.14 15.74
C GLY C 73 9.16 -0.88 16.58
N LEU C 74 9.48 -1.78 17.50
CA LEU C 74 10.63 -1.60 18.38
C LEU C 74 11.63 -2.75 18.26
N LYS C 76 14.44 -5.56 16.74
CA LYS C 76 14.42 -5.39 15.30
C LYS C 76 14.09 -6.70 14.59
N ASP C 77 12.82 -7.11 14.68
CA ASP C 77 12.36 -8.39 14.14
C ASP C 77 13.16 -9.54 14.78
N GLY C 78 13.03 -9.64 16.10
CA GLY C 78 13.75 -10.65 16.86
C GLY C 78 13.53 -10.52 18.36
N GLN C 81 16.66 -9.01 21.35
CA GLN C 81 16.66 -8.38 22.67
C GLN C 81 16.84 -6.88 22.56
N SER C 82 18.08 -6.45 22.30
CA SER C 82 18.36 -5.03 22.12
C SER C 82 17.47 -4.48 21.02
N LEU C 83 16.54 -3.61 21.39
CA LEU C 83 15.52 -3.13 20.47
C LEU C 83 16.16 -2.35 19.33
N LYS C 84 15.32 -1.92 18.38
CA LYS C 84 15.79 -1.16 17.22
C LYS C 84 16.76 -0.07 17.64
N GLU C 85 18.00 -0.18 17.15
CA GLU C 85 19.05 0.72 17.59
C GLU C 85 18.70 2.17 17.29
N HIS C 86 19.32 3.06 18.04
CA HIS C 86 19.18 4.51 17.85
C HIS C 86 17.72 4.95 17.97
N LEU C 87 17.18 4.73 19.16
CA LEU C 87 15.83 5.15 19.50
C LEU C 87 15.86 6.45 20.31
N ILE C 88 14.67 6.96 20.61
CA ILE C 88 14.50 8.29 21.16
C ILE C 88 13.25 8.35 22.02
N ASP C 89 13.41 8.69 23.29
CA ASP C 89 12.30 8.77 24.23
C ASP C 89 11.34 9.86 23.83
N GLU C 90 10.07 9.69 24.21
CA GLU C 90 9.00 10.65 23.98
C GLU C 90 8.79 10.98 22.50
N LEU C 91 9.41 10.23 21.60
CA LEU C 91 9.24 10.43 20.18
C LEU C 91 8.91 9.13 19.44
N ASP C 92 9.50 8.01 19.86
CA ASP C 92 9.09 6.69 19.41
C ASP C 92 8.58 5.80 20.53
N TYR C 93 9.00 6.04 21.77
CA TYR C 93 8.51 5.33 22.93
C TYR C 93 8.33 6.32 24.07
N ILE C 94 7.58 5.89 25.09
CA ILE C 94 7.41 6.64 26.32
C ILE C 94 7.80 5.74 27.48
N LEU C 95 8.14 6.35 28.61
CA LEU C 95 8.57 5.62 29.80
C LEU C 95 7.46 5.66 30.84
N LEU C 96 7.04 4.47 31.29
CA LEU C 96 6.04 4.33 32.34
C LEU C 96 6.58 3.44 33.44
N PRO C 97 6.34 3.80 34.71
CA PRO C 97 6.81 2.94 35.81
C PRO C 97 6.11 1.59 35.84
N THR C 98 6.52 0.73 36.78
CA THR C 98 5.95 -0.61 36.87
C THR C 98 4.46 -0.57 37.19
N GLU C 99 4.02 0.41 37.98
CA GLU C 99 2.63 0.47 38.39
C GLU C 99 1.71 0.71 37.20
N GLY C 100 2.01 1.73 36.39
CA GLY C 100 1.15 2.05 35.26
C GLY C 100 1.20 1.00 34.17
N TRP C 101 2.35 0.34 33.99
CA TRP C 101 2.49 -0.64 32.93
C TRP C 101 1.46 -1.77 33.07
N ASN C 102 1.55 -2.52 34.17
CA ASN C 102 0.65 -3.65 34.37
C ASN C 102 -0.82 -3.23 34.32
N LYS C 103 -1.11 -1.97 34.69
CA LYS C 103 -2.47 -1.46 34.55
C LYS C 103 -2.90 -1.45 33.09
N LEU C 104 -2.10 -0.83 32.22
CA LEU C 104 -2.43 -0.83 30.80
C LEU C 104 -2.42 -2.25 30.23
N VAL C 105 -1.45 -3.07 30.66
CA VAL C 105 -1.45 -4.48 30.27
C VAL C 105 -2.71 -5.17 30.75
N SER C 106 -3.24 -4.78 31.92
CA SER C 106 -4.46 -5.38 32.42
C SER C 106 -5.68 -5.02 31.58
N TRP C 107 -5.63 -3.92 30.82
CA TRP C 107 -6.78 -3.42 30.07
C TRP C 107 -6.61 -3.53 28.57
N TYR C 108 -5.42 -3.23 28.07
CA TYR C 108 -5.16 -3.17 26.63
C TYR C 108 -4.22 -4.31 26.28
N THR C 109 -4.52 -5.49 26.82
CA THR C 109 -3.61 -6.63 26.92
C THR C 109 -2.69 -6.74 25.73
N LEU C 110 -1.39 -6.91 26.01
CA LEU C 110 -0.32 -7.02 25.02
C LEU C 110 -0.72 -7.81 23.79
N MET C 111 -0.20 -7.42 22.63
CA MET C 111 -0.51 -8.12 21.39
C MET C 111 -0.05 -9.58 21.47
N GLU C 112 -0.62 -10.39 20.58
CA GLU C 112 -0.28 -11.80 20.51
C GLU C 112 1.21 -11.96 20.20
N GLY C 113 1.94 -12.57 21.13
CA GLY C 113 3.37 -12.75 20.97
C GLY C 113 4.18 -11.50 21.21
N GLN C 114 4.00 -10.87 22.38
CA GLN C 114 4.72 -9.67 22.75
C GLN C 114 5.52 -9.92 24.02
N GLU C 115 6.49 -9.05 24.27
CA GLU C 115 7.35 -9.18 25.44
C GLU C 115 7.45 -7.84 26.17
N PRO C 116 7.44 -7.86 27.50
CA PRO C 116 7.68 -6.61 28.24
C PRO C 116 9.10 -6.11 28.03
N ILE C 117 9.24 -4.81 27.88
CA ILE C 117 10.55 -4.16 27.80
C ILE C 117 10.67 -3.28 29.04
N ALA C 118 11.46 -3.73 30.01
CA ALA C 118 11.65 -3.01 31.27
C ALA C 118 13.13 -3.06 31.62
N ARG C 119 13.83 -1.95 31.40
CA ARG C 119 15.21 -1.81 31.81
C ARG C 119 15.24 -1.04 33.12
N LYS C 120 16.43 -0.66 33.57
CA LYS C 120 16.58 0.03 34.83
C LYS C 120 17.24 1.38 34.60
N VAL C 121 17.32 2.17 35.67
CA VAL C 121 17.86 3.52 35.59
C VAL C 121 19.20 3.55 36.31
N VAL C 122 19.99 4.57 36.00
CA VAL C 122 21.33 4.73 36.55
C VAL C 122 21.59 6.21 36.83
N GLU C 123 22.64 6.47 37.58
CA GLU C 123 23.12 7.83 37.83
C GLU C 123 24.18 8.15 36.80
N GLN C 124 23.90 9.12 35.92
CA GLN C 124 24.81 9.52 34.85
C GLN C 124 25.07 11.00 35.00
N GLY C 125 26.34 11.38 35.12
CA GLY C 125 26.73 12.78 35.28
C GLY C 125 28.07 13.04 34.68
N MET C 126 28.86 13.87 35.35
CA MET C 126 30.25 14.14 34.97
C MET C 126 30.91 14.82 36.17
N PHE C 127 32.16 15.20 35.98
CA PHE C 127 32.96 15.83 37.03
C PHE C 127 33.30 17.26 36.64
N VAL C 128 34.00 17.94 37.54
CA VAL C 128 34.38 19.34 37.34
C VAL C 128 35.90 19.44 37.31
N LYS C 129 36.38 20.64 36.96
CA LYS C 129 37.82 20.89 36.95
C LYS C 129 38.16 22.29 37.46
N HIS C 130 37.21 23.05 37.98
CA HIS C 130 37.47 24.45 38.28
C HIS C 130 38.35 24.59 39.51
N CYS C 131 39.20 25.61 39.49
CA CYS C 131 40.16 25.88 40.56
C CYS C 131 39.98 27.31 41.04
N LYS C 132 39.62 27.47 42.31
CA LYS C 132 39.48 28.78 42.92
C LYS C 132 40.55 28.94 44.00
N VAL C 133 41.42 29.93 43.81
CA VAL C 133 42.49 30.20 44.76
C VAL C 133 41.87 30.72 46.05
N GLU C 134 42.30 30.19 47.19
CA GLU C 134 41.81 30.66 48.48
C GLU C 134 42.23 32.10 48.69
N VAL C 135 41.24 32.98 48.90
CA VAL C 135 41.51 34.39 49.12
C VAL C 135 40.98 34.82 50.49
N TYR C 136 39.66 34.74 50.67
CA TYR C 136 39.03 35.14 51.92
C TYR C 136 38.00 34.12 52.37
N ALA D 10 38.38 -15.94 -23.59
CA ALA D 10 37.26 -16.43 -24.39
C ALA D 10 37.69 -16.62 -25.84
N ALA D 11 37.06 -17.59 -26.52
CA ALA D 11 37.27 -17.74 -27.94
C ALA D 11 36.64 -16.56 -28.69
N ASP D 12 36.87 -16.50 -29.99
CA ASP D 12 36.25 -15.45 -30.79
C ASP D 12 34.73 -15.48 -30.65
N LEU D 13 34.15 -14.29 -30.53
CA LEU D 13 32.72 -14.18 -30.20
C LEU D 13 31.86 -14.96 -31.18
N ASP D 14 32.17 -14.87 -32.48
CA ASP D 14 31.45 -15.66 -33.49
C ASP D 14 31.51 -17.15 -33.15
N THR D 15 32.70 -17.65 -32.79
CA THR D 15 32.81 -19.03 -32.34
C THR D 15 32.34 -19.20 -30.90
N GLN D 16 32.39 -18.14 -30.09
CA GLN D 16 31.81 -18.21 -28.75
C GLN D 16 30.30 -18.39 -28.84
N ARG D 17 29.65 -17.69 -29.77
CA ARG D 17 28.20 -17.82 -29.92
C ARG D 17 27.84 -19.19 -30.50
N SER D 18 28.46 -19.59 -31.62
CA SER D 18 28.06 -20.81 -32.31
C SER D 18 28.27 -22.05 -31.46
N ASP D 19 29.00 -21.94 -30.35
CA ASP D 19 29.23 -23.07 -29.47
C ASP D 19 28.16 -23.23 -28.39
N ILE D 20 27.30 -22.23 -28.20
CA ILE D 20 26.20 -22.35 -27.24
C ILE D 20 24.94 -22.87 -27.91
N ALA D 21 24.54 -22.27 -29.02
CA ALA D 21 23.36 -22.73 -29.74
C ALA D 21 23.48 -24.20 -30.12
N THR D 22 24.66 -24.62 -30.57
CA THR D 22 24.86 -26.02 -30.95
C THR D 22 24.67 -26.94 -29.75
N LEU D 23 25.31 -26.62 -28.62
CA LEU D 23 25.20 -27.45 -27.43
C LEU D 23 23.78 -27.48 -26.88
N LEU D 24 23.02 -26.39 -27.07
CA LEU D 24 21.66 -26.34 -26.55
C LEU D 24 20.76 -27.39 -27.17
N LYS D 25 21.11 -27.90 -28.35
CA LYS D 25 20.34 -28.93 -29.02
C LYS D 25 20.66 -30.34 -28.54
N THR D 26 21.41 -30.48 -27.45
CA THR D 26 21.82 -31.79 -26.96
C THR D 26 20.61 -32.61 -26.54
N SER D 27 20.41 -33.74 -27.20
CA SER D 27 19.29 -34.62 -26.91
C SER D 27 19.57 -35.33 -25.60
N LEU D 28 19.09 -34.74 -24.51
CA LEU D 28 19.08 -35.40 -23.21
C LEU D 28 18.52 -36.81 -23.30
N ARG D 29 19.38 -37.81 -23.02
CA ARG D 29 18.95 -39.20 -23.10
C ARG D 29 18.26 -39.61 -21.78
N LYS D 30 19.04 -39.70 -20.70
CA LYS D 30 18.50 -40.03 -19.38
C LYS D 30 19.64 -39.95 -18.37
N GLY D 31 19.34 -39.43 -17.18
CA GLY D 31 20.31 -39.44 -16.10
C GLY D 31 21.44 -38.43 -16.23
N ASP D 32 21.72 -37.98 -17.46
CA ASP D 32 22.78 -37.02 -17.67
C ASP D 32 22.57 -35.77 -16.82
N THR D 33 23.65 -35.24 -16.27
CA THR D 33 23.58 -34.07 -15.41
C THR D 33 23.51 -32.81 -16.29
N TRP D 34 22.42 -32.06 -16.15
CA TRP D 34 22.23 -30.83 -16.89
C TRP D 34 22.30 -29.64 -15.93
N TYR D 35 22.91 -28.56 -16.39
CA TYR D 35 23.12 -27.36 -15.59
C TYR D 35 22.20 -26.25 -16.09
N LEU D 36 21.66 -25.46 -15.17
CA LEU D 36 20.76 -24.38 -15.52
C LEU D 36 21.33 -23.04 -15.07
N VAL D 37 21.18 -22.03 -15.93
CA VAL D 37 21.65 -20.67 -15.67
C VAL D 37 20.44 -19.76 -15.70
N ASP D 38 20.57 -18.62 -15.01
CA ASP D 38 19.49 -17.64 -14.99
C ASP D 38 19.24 -17.08 -16.39
N SER D 39 17.96 -16.95 -16.76
CA SER D 39 17.60 -16.28 -18.01
C SER D 39 18.08 -14.85 -18.03
N ARG D 40 18.17 -14.22 -16.85
N ARG D 40 18.22 -14.23 -16.86
CA ARG D 40 18.55 -12.82 -16.78
CA ARG D 40 18.55 -12.82 -16.77
C ARG D 40 19.98 -12.60 -17.24
C ARG D 40 20.01 -12.54 -17.05
N TRP D 41 20.87 -13.56 -16.98
CA TRP D 41 22.26 -13.44 -17.43
C TRP D 41 22.36 -13.69 -18.93
N PHE D 42 21.60 -14.68 -19.43
CA PHE D 42 21.63 -15.03 -20.85
C PHE D 42 21.13 -13.91 -21.74
N LYS D 43 20.01 -13.29 -21.36
CA LYS D 43 19.44 -12.20 -22.15
C LYS D 43 20.47 -11.13 -22.43
N GLN D 44 21.26 -10.76 -21.42
CA GLN D 44 22.33 -9.80 -21.63
C GLN D 44 23.55 -10.45 -22.30
N TRP D 45 23.79 -11.74 -22.04
CA TRP D 45 24.86 -12.43 -22.74
C TRP D 45 24.54 -12.54 -24.23
N LYS D 46 23.26 -12.73 -24.57
CA LYS D 46 22.85 -12.68 -25.97
C LYS D 46 23.24 -11.36 -26.61
N LYS D 47 23.12 -10.27 -25.87
CA LYS D 47 23.50 -8.96 -26.39
C LYS D 47 24.98 -8.93 -26.75
N TYR D 48 25.85 -9.12 -25.76
CA TYR D 48 27.29 -8.91 -25.91
C TYR D 48 27.87 -9.70 -27.08
N VAL D 49 27.30 -10.87 -27.39
CA VAL D 49 27.76 -11.69 -28.50
C VAL D 49 26.82 -11.64 -29.69
N GLY D 50 25.71 -10.90 -29.59
CA GLY D 50 24.75 -10.84 -30.67
C GLY D 50 24.21 -12.21 -31.01
N PHE D 51 23.65 -12.91 -30.02
CA PHE D 51 23.13 -14.27 -30.24
C PHE D 51 22.05 -14.26 -31.31
N ASP D 52 20.97 -13.51 -31.08
CA ASP D 52 19.95 -13.33 -32.09
C ASP D 52 20.53 -12.60 -33.29
N SER D 53 20.08 -13.00 -34.49
CA SER D 53 20.63 -12.51 -35.75
C SER D 53 20.31 -11.05 -36.05
N TRP D 54 19.65 -10.34 -35.14
CA TRP D 54 19.22 -8.97 -35.42
C TRP D 54 19.44 -8.00 -34.26
N ASP D 55 20.06 -8.44 -33.17
CA ASP D 55 20.36 -7.56 -32.05
C ASP D 55 21.87 -7.43 -31.83
N LYS D 56 22.64 -7.49 -32.92
CA LYS D 56 24.09 -7.37 -32.86
C LYS D 56 24.56 -5.94 -32.64
N TYR D 57 23.64 -5.01 -32.36
CA TYR D 57 24.02 -3.61 -32.17
C TYR D 57 25.03 -3.47 -31.05
N GLN D 58 24.81 -4.15 -29.94
CA GLN D 58 25.70 -4.09 -28.78
C GLN D 58 26.52 -5.38 -28.77
N MET D 59 27.58 -5.39 -29.58
CA MET D 59 28.35 -6.61 -29.79
C MET D 59 29.79 -6.43 -29.32
N GLY D 60 29.95 -5.90 -28.12
CA GLY D 60 31.27 -5.68 -27.56
C GLY D 60 31.46 -4.31 -26.94
N ASP D 61 30.36 -3.57 -26.76
CA ASP D 61 30.43 -2.31 -26.05
C ASP D 61 30.96 -2.53 -24.64
N GLN D 62 31.52 -1.47 -24.07
CA GLN D 62 31.98 -1.53 -22.68
C GLN D 62 30.85 -1.92 -21.75
N ASN D 63 29.81 -1.10 -21.69
CA ASN D 63 28.71 -1.31 -20.74
C ASN D 63 27.63 -2.22 -21.32
N VAL D 64 28.03 -3.33 -21.95
CA VAL D 64 27.07 -4.32 -22.43
C VAL D 64 27.60 -5.71 -22.07
N TYR D 65 28.56 -5.76 -21.18
CA TYR D 65 29.03 -7.02 -20.61
C TYR D 65 28.57 -6.97 -19.16
N PRO D 66 27.24 -7.04 -18.92
CA PRO D 66 26.68 -6.73 -17.60
C PRO D 66 26.51 -7.96 -16.72
N GLY D 67 27.53 -8.81 -16.68
CA GLY D 67 27.51 -9.87 -15.70
C GLY D 67 28.76 -10.72 -15.56
N PRO D 68 29.22 -10.83 -14.32
CA PRO D 68 29.47 -12.15 -13.75
C PRO D 68 28.13 -12.70 -13.33
N ILE D 69 28.10 -13.99 -13.01
CA ILE D 69 26.80 -14.65 -12.94
C ILE D 69 26.09 -14.24 -11.66
N ASP D 70 25.33 -13.16 -11.74
CA ASP D 70 24.64 -12.56 -10.58
C ASP D 70 23.26 -13.19 -10.47
N ASN D 71 23.20 -14.31 -9.76
CA ASN D 71 21.94 -15.00 -9.51
C ASN D 71 21.30 -14.56 -8.19
N SER D 72 21.62 -13.36 -7.72
CA SER D 72 20.92 -12.79 -6.58
C SER D 72 19.51 -12.41 -7.00
N GLY D 73 18.57 -13.34 -6.81
CA GLY D 73 17.24 -13.22 -7.37
C GLY D 73 16.89 -14.48 -8.15
N LEU D 74 17.74 -15.49 -8.05
CA LEU D 74 17.48 -16.80 -8.64
C LEU D 74 16.94 -17.73 -7.56
N SER D 82 19.91 -20.83 -1.30
CA SER D 82 19.11 -21.85 -1.97
C SER D 82 18.05 -21.21 -2.87
N LEU D 83 17.74 -21.88 -3.97
CA LEU D 83 16.77 -21.37 -4.93
C LEU D 83 15.37 -21.31 -4.30
N LYS D 84 14.44 -20.73 -5.05
CA LYS D 84 13.05 -20.65 -4.63
C LYS D 84 12.20 -21.56 -5.50
N GLU D 85 10.89 -21.54 -5.26
CA GLU D 85 9.97 -22.48 -5.87
C GLU D 85 9.29 -21.90 -7.11
N HIS D 86 8.96 -22.79 -8.04
CA HIS D 86 8.14 -22.47 -9.21
C HIS D 86 8.85 -21.50 -10.17
N LEU D 87 10.06 -21.86 -10.57
CA LEU D 87 10.78 -21.07 -11.56
C LEU D 87 10.31 -21.42 -12.97
N ILE D 88 10.40 -20.44 -13.87
CA ILE D 88 9.79 -20.53 -15.20
C ILE D 88 10.89 -20.67 -16.25
N ASP D 89 10.72 -21.66 -17.12
CA ASP D 89 11.69 -21.95 -18.16
C ASP D 89 11.77 -20.80 -19.16
N GLU D 90 12.99 -20.49 -19.61
CA GLU D 90 13.26 -19.44 -20.59
C GLU D 90 12.86 -18.05 -20.10
N LEU D 91 12.33 -17.97 -18.88
CA LEU D 91 12.04 -16.70 -18.22
C LEU D 91 12.82 -16.55 -16.92
N ASP D 92 12.83 -17.58 -16.08
CA ASP D 92 13.62 -17.57 -14.86
C ASP D 92 14.98 -18.24 -15.00
N TYR D 93 15.13 -19.13 -15.97
CA TYR D 93 16.38 -19.83 -16.17
C TYR D 93 16.40 -20.36 -17.61
N ILE D 94 17.56 -20.88 -18.01
CA ILE D 94 17.67 -21.70 -19.21
C ILE D 94 18.44 -22.95 -18.82
N LEU D 95 18.37 -23.96 -19.69
CA LEU D 95 19.02 -25.25 -19.45
C LEU D 95 20.15 -25.46 -20.45
N LEU D 96 21.33 -25.78 -19.92
CA LEU D 96 22.50 -26.07 -20.74
C LEU D 96 22.96 -27.51 -20.51
N PRO D 97 23.52 -28.16 -21.55
CA PRO D 97 24.11 -29.48 -21.33
C PRO D 97 25.33 -29.42 -20.43
N THR D 98 25.92 -30.58 -20.11
CA THR D 98 27.06 -30.62 -19.21
C THR D 98 28.20 -29.74 -19.71
N GLU D 99 28.51 -29.83 -21.01
CA GLU D 99 29.65 -29.11 -21.55
C GLU D 99 29.40 -27.61 -21.60
N GLY D 100 28.13 -27.21 -21.74
CA GLY D 100 27.83 -25.80 -21.89
C GLY D 100 28.17 -24.99 -20.65
N TRP D 101 27.77 -25.48 -19.47
CA TRP D 101 28.08 -24.76 -18.24
C TRP D 101 29.58 -24.60 -18.05
N ASN D 102 30.35 -25.67 -18.30
CA ASN D 102 31.80 -25.56 -18.30
C ASN D 102 32.27 -24.54 -19.33
N LYS D 103 31.89 -24.74 -20.59
CA LYS D 103 32.35 -23.90 -21.68
C LYS D 103 32.01 -22.43 -21.48
N LEU D 104 31.15 -22.11 -20.51
CA LEU D 104 30.97 -20.75 -20.06
C LEU D 104 31.95 -20.36 -18.97
N VAL D 105 32.40 -21.32 -18.14
CA VAL D 105 33.30 -21.01 -17.04
C VAL D 105 34.75 -20.93 -17.50
N SER D 106 35.12 -21.65 -18.57
CA SER D 106 36.37 -21.37 -19.24
C SER D 106 36.37 -19.94 -19.78
N TRP D 107 35.19 -19.49 -20.21
CA TRP D 107 34.92 -18.09 -20.50
C TRP D 107 34.63 -17.38 -19.18
N TYR D 108 34.03 -16.19 -19.25
CA TYR D 108 33.69 -15.41 -18.06
C TYR D 108 33.09 -16.30 -16.97
N THR D 109 33.75 -16.32 -15.81
CA THR D 109 33.47 -17.31 -14.79
C THR D 109 32.38 -16.82 -13.84
N LEU D 110 32.13 -17.61 -12.79
CA LEU D 110 31.12 -17.30 -11.79
C LEU D 110 31.39 -15.95 -11.13
N MET D 111 30.37 -15.45 -10.43
CA MET D 111 30.51 -14.21 -9.68
C MET D 111 31.13 -14.53 -8.31
N GLU D 112 31.04 -13.58 -7.38
CA GLU D 112 31.66 -13.66 -6.07
C GLU D 112 30.95 -14.72 -5.23
N GLY D 113 31.51 -15.92 -5.18
CA GLY D 113 31.03 -16.97 -4.30
C GLY D 113 29.56 -17.33 -4.41
N GLN D 114 29.17 -17.95 -5.52
CA GLN D 114 27.79 -18.35 -5.74
C GLN D 114 27.66 -19.87 -5.74
N GLU D 115 26.41 -20.34 -5.77
CA GLU D 115 26.11 -21.76 -5.72
C GLU D 115 25.80 -22.29 -7.11
N PRO D 116 26.65 -23.12 -7.70
CA PRO D 116 26.28 -23.78 -8.96
C PRO D 116 25.05 -24.66 -8.76
N ILE D 117 24.32 -24.87 -9.86
CA ILE D 117 23.04 -25.59 -9.83
C ILE D 117 23.03 -26.59 -10.98
N ALA D 118 22.69 -27.84 -10.68
CA ALA D 118 22.68 -28.90 -11.69
C ALA D 118 21.70 -29.97 -11.29
N ARG D 119 21.05 -30.58 -12.30
CA ARG D 119 20.14 -31.69 -12.08
C ARG D 119 20.28 -32.69 -13.22
N LYS D 120 19.64 -33.84 -13.04
CA LYS D 120 19.71 -34.93 -14.00
C LYS D 120 18.43 -34.99 -14.83
N VAL D 121 18.58 -35.49 -16.06
CA VAL D 121 17.44 -35.70 -16.96
C VAL D 121 16.83 -37.06 -16.67
N VAL D 122 15.51 -37.10 -16.58
CA VAL D 122 14.78 -38.34 -16.34
C VAL D 122 13.70 -38.48 -17.41
N GLU D 123 13.35 -39.73 -17.71
CA GLU D 123 12.30 -40.04 -18.67
C GLU D 123 11.01 -40.31 -17.92
N GLN D 124 9.91 -39.72 -18.39
CA GLN D 124 8.63 -39.85 -17.71
C GLN D 124 7.51 -39.71 -18.72
N GLY D 125 6.30 -40.04 -18.26
CA GLY D 125 5.11 -40.02 -19.07
C GLY D 125 3.95 -40.68 -18.35
N MET D 126 3.29 -41.63 -19.00
CA MET D 126 2.21 -42.38 -18.39
C MET D 126 2.08 -43.73 -19.09
N PHE D 127 1.32 -44.63 -18.47
CA PHE D 127 1.04 -45.93 -19.05
C PHE D 127 -0.38 -45.90 -19.62
N VAL D 128 -0.49 -46.11 -20.93
CA VAL D 128 -1.78 -46.10 -21.62
C VAL D 128 -2.15 -47.53 -21.95
N LYS D 129 -3.25 -48.00 -21.36
CA LYS D 129 -3.83 -49.29 -21.69
C LYS D 129 -5.27 -49.07 -22.13
N HIS D 130 -5.66 -49.75 -23.20
CA HIS D 130 -7.04 -49.67 -23.67
C HIS D 130 -7.46 -51.02 -24.22
N CYS D 131 -8.60 -51.52 -23.73
CA CYS D 131 -9.09 -52.82 -24.14
C CYS D 131 -9.83 -52.72 -25.47
N LYS D 132 -9.53 -53.65 -26.37
CA LYS D 132 -10.19 -53.70 -27.67
C LYS D 132 -10.47 -55.16 -28.01
N VAL D 133 -11.47 -55.36 -28.85
CA VAL D 133 -11.87 -56.71 -29.28
C VAL D 133 -11.03 -57.09 -30.51
N GLU D 134 -10.34 -58.22 -30.41
CA GLU D 134 -9.50 -58.71 -31.49
C GLU D 134 -10.32 -59.58 -32.43
N VAL D 135 -10.61 -59.04 -33.61
CA VAL D 135 -11.34 -59.78 -34.64
C VAL D 135 -10.38 -60.43 -35.63
N TYR D 136 -9.36 -59.70 -36.06
CA TYR D 136 -8.36 -60.22 -36.98
C TYR D 136 -7.05 -60.47 -36.22
N LEU D 137 -6.05 -61.00 -36.93
CA LEU D 137 -4.84 -61.53 -36.32
C LEU D 137 -5.20 -62.59 -35.27
N THR D 138 -5.80 -63.67 -35.76
CA THR D 138 -6.32 -64.76 -34.94
C THR D 138 -7.37 -64.27 -33.95
N ALA E 10 45.78 9.98 -6.62
CA ALA E 10 45.45 9.27 -5.38
C ALA E 10 46.70 8.95 -4.59
N ALA E 11 46.70 7.78 -3.95
CA ALA E 11 47.86 7.27 -3.25
C ALA E 11 47.97 5.78 -3.50
N ASP E 12 49.17 5.25 -3.28
CA ASP E 12 49.46 3.84 -3.51
C ASP E 12 48.49 2.97 -2.72
N LEU E 13 47.89 1.98 -3.39
CA LEU E 13 46.87 1.15 -2.76
C LEU E 13 47.39 0.43 -1.53
N ASP E 14 48.62 -0.12 -1.60
CA ASP E 14 49.21 -0.76 -0.43
C ASP E 14 49.35 0.23 0.72
N THR E 15 49.46 1.52 0.41
CA THR E 15 49.38 2.59 1.40
C THR E 15 48.01 3.25 1.45
N GLN E 16 47.00 2.63 0.82
CA GLN E 16 45.62 3.09 0.96
C GLN E 16 44.91 2.41 2.12
N ARG E 17 45.26 1.17 2.44
CA ARG E 17 44.80 0.52 3.65
C ARG E 17 45.79 0.66 4.80
N SER E 18 47.10 0.67 4.50
CA SER E 18 48.13 0.80 5.53
C SER E 18 47.91 2.01 6.43
N ASP E 19 47.14 3.00 5.96
CA ASP E 19 46.72 4.12 6.79
C ASP E 19 45.33 3.91 7.38
N ILE E 20 44.37 3.48 6.56
CA ILE E 20 43.01 3.31 7.04
C ILE E 20 42.94 2.16 8.06
N ALA E 21 43.50 1.00 7.72
CA ALA E 21 43.54 -0.10 8.67
C ALA E 21 44.29 0.31 9.94
N THR E 22 45.36 1.09 9.80
CA THR E 22 46.08 1.57 10.98
C THR E 22 45.25 2.61 11.72
N LEU E 23 44.85 3.68 11.01
CA LEU E 23 44.04 4.73 11.62
C LEU E 23 42.57 4.56 11.26
N LEU E 24 41.94 3.61 11.96
CA LEU E 24 40.48 3.50 11.95
C LEU E 24 40.00 3.35 13.38
N LYS E 25 40.88 2.87 14.25
CA LYS E 25 40.63 2.70 15.69
C LYS E 25 41.83 3.32 16.40
N THR E 26 41.71 4.59 16.79
CA THR E 26 42.80 5.33 17.42
C THR E 26 42.40 5.75 18.83
N SER E 27 43.28 6.52 19.47
CA SER E 27 43.01 7.03 20.81
C SER E 27 41.79 7.95 20.77
N LEU E 28 40.66 7.44 21.24
CA LEU E 28 39.38 8.15 21.08
C LEU E 28 39.20 9.10 22.26
N ARG E 29 39.81 10.27 22.13
CA ARG E 29 39.57 11.34 23.10
C ARG E 29 38.19 11.94 22.87
N LYS E 30 37.59 12.41 23.97
CA LYS E 30 36.28 13.04 23.89
C LYS E 30 36.33 14.29 23.02
N GLY E 31 35.16 14.75 22.60
CA GLY E 31 35.08 15.95 21.79
C GLY E 31 35.56 15.82 20.37
N ASP E 32 36.74 15.21 20.17
CA ASP E 32 37.29 15.00 18.84
C ASP E 32 36.29 14.26 17.97
N THR E 33 35.71 14.96 17.00
CA THR E 33 34.53 14.48 16.29
C THR E 33 34.93 13.75 15.01
N TRP E 34 34.19 12.68 14.71
CA TRP E 34 34.43 11.84 13.56
C TRP E 34 33.37 12.10 12.49
N TYR E 35 33.52 11.41 11.36
CA TYR E 35 32.53 11.35 10.30
C TYR E 35 31.98 9.94 10.21
N LEU E 36 30.98 9.74 9.35
CA LEU E 36 30.39 8.43 9.15
C LEU E 36 30.18 8.19 7.66
N VAL E 37 30.28 6.92 7.26
CA VAL E 37 30.19 6.49 5.87
C VAL E 37 29.10 5.44 5.75
N ASP E 38 28.41 5.45 4.61
CA ASP E 38 27.46 4.38 4.29
C ASP E 38 28.21 3.07 4.13
N SER E 39 27.73 2.03 4.81
CA SER E 39 28.37 0.72 4.72
C SER E 39 28.28 0.13 3.32
N ARG E 40 27.16 0.38 2.62
CA ARG E 40 26.96 -0.20 1.29
C ARG E 40 28.02 0.30 0.32
N TRP E 41 28.23 1.63 0.27
CA TRP E 41 29.28 2.18 -0.58
C TRP E 41 30.66 1.77 -0.07
N PHE E 42 30.88 1.88 1.24
CA PHE E 42 32.18 1.55 1.82
C PHE E 42 32.57 0.10 1.57
N LYS E 43 31.58 -0.76 1.28
CA LYS E 43 31.89 -2.15 0.94
C LYS E 43 32.72 -2.24 -0.33
N GLN E 44 32.24 -1.62 -1.42
CA GLN E 44 32.95 -1.66 -2.68
C GLN E 44 34.35 -1.07 -2.58
N TRP E 45 34.63 -0.27 -1.54
CA TRP E 45 35.98 0.18 -1.29
C TRP E 45 36.85 -0.96 -0.74
N LYS E 46 36.32 -1.73 0.21
CA LYS E 46 37.04 -2.90 0.72
C LYS E 46 37.43 -3.83 -0.42
N LYS E 47 36.53 -4.03 -1.37
CA LYS E 47 36.85 -4.88 -2.53
C LYS E 47 37.92 -4.25 -3.40
N TYR E 48 37.83 -2.93 -3.61
CA TYR E 48 38.77 -2.25 -4.49
C TYR E 48 40.19 -2.36 -3.97
N VAL E 49 40.42 -1.88 -2.74
CA VAL E 49 41.76 -1.89 -2.16
C VAL E 49 42.18 -3.28 -1.70
N GLY E 50 41.30 -4.27 -1.79
CA GLY E 50 41.58 -5.57 -1.23
C GLY E 50 41.81 -5.45 0.27
N PHE E 51 40.85 -4.85 0.96
CA PHE E 51 41.01 -4.56 2.39
C PHE E 51 41.21 -5.84 3.19
N ASP E 52 40.20 -6.70 3.22
CA ASP E 52 40.34 -7.98 3.88
C ASP E 52 41.44 -8.78 3.18
N SER E 53 42.37 -9.31 3.98
CA SER E 53 43.58 -9.94 3.45
C SER E 53 43.28 -11.20 2.64
N TRP E 54 42.01 -11.54 2.42
CA TRP E 54 41.63 -12.76 1.73
C TRP E 54 40.64 -12.53 0.59
N ASP E 55 40.25 -11.29 0.32
CA ASP E 55 39.29 -11.01 -0.75
C ASP E 55 39.87 -9.97 -1.72
N LYS E 56 41.14 -10.12 -2.07
CA LYS E 56 41.78 -9.26 -3.05
C LYS E 56 41.41 -9.62 -4.49
N TYR E 57 40.36 -10.42 -4.69
CA TYR E 57 39.99 -10.85 -6.03
C TYR E 57 39.58 -9.68 -6.91
N GLN E 58 39.01 -8.64 -6.31
CA GLN E 58 38.50 -7.46 -7.02
C GLN E 58 39.43 -6.28 -6.83
N MET E 59 40.74 -6.51 -6.83
CA MET E 59 41.73 -5.50 -6.47
C MET E 59 41.84 -4.47 -7.58
N GLY E 60 40.84 -3.60 -7.66
CA GLY E 60 40.87 -2.47 -8.57
C GLY E 60 40.38 -2.77 -9.98
N ASP E 61 39.28 -3.51 -10.10
CA ASP E 61 38.70 -3.76 -11.41
C ASP E 61 38.04 -2.49 -11.92
N GLN E 62 38.15 -2.25 -13.23
CA GLN E 62 37.62 -1.05 -13.86
C GLN E 62 36.11 -0.96 -13.83
N ASN E 63 35.44 -1.91 -13.17
CA ASN E 63 33.99 -1.85 -12.96
C ASN E 63 33.60 -1.96 -11.49
N VAL E 64 34.48 -2.45 -10.61
CA VAL E 64 34.20 -2.50 -9.19
C VAL E 64 34.46 -1.17 -8.50
N TYR E 65 34.93 -0.17 -9.23
CA TYR E 65 35.26 1.12 -8.64
C TYR E 65 34.04 1.71 -7.95
N PRO E 66 34.14 2.09 -6.67
CA PRO E 66 32.99 2.71 -6.00
C PRO E 66 32.82 4.18 -6.30
N GLY E 67 33.87 4.84 -6.81
CA GLY E 67 33.79 6.24 -7.14
C GLY E 67 33.56 7.12 -5.92
N PRO E 68 32.70 8.11 -6.07
CA PRO E 68 32.44 9.06 -4.97
C PRO E 68 31.71 8.42 -3.81
N ILE E 69 31.71 9.14 -2.69
CA ILE E 69 31.03 8.71 -1.47
C ILE E 69 29.55 9.02 -1.65
N ASP E 70 28.77 8.03 -2.06
CA ASP E 70 27.32 8.18 -2.21
C ASP E 70 26.68 7.87 -0.87
N ASN E 71 26.19 8.90 -0.20
CA ASN E 71 25.52 8.76 1.09
C ASN E 71 24.00 8.89 0.97
N SER E 72 23.48 8.88 -0.27
CA SER E 72 22.06 9.17 -0.48
C SER E 72 21.14 8.14 0.16
N GLY E 73 21.65 6.95 0.46
CA GLY E 73 20.84 5.97 1.18
C GLY E 73 20.47 6.39 2.58
N LEU E 74 21.15 7.41 3.12
CA LEU E 74 20.92 7.87 4.49
C LEU E 74 19.98 9.07 4.57
N LEU E 75 20.39 10.19 3.97
CA LEU E 75 19.64 11.45 4.03
C LEU E 75 18.40 11.41 3.14
N LYS E 76 17.40 10.65 3.60
CA LYS E 76 16.15 10.54 2.87
C LYS E 76 15.54 11.92 2.65
N ASP E 77 15.28 12.23 1.39
CA ASP E 77 14.68 13.49 0.98
C ASP E 77 15.46 14.71 1.44
N GLN E 81 20.85 17.64 4.79
CA GLN E 81 21.24 16.51 5.64
C GLN E 81 20.09 16.07 6.52
N SER E 82 18.89 15.99 5.94
CA SER E 82 17.72 15.49 6.67
C SER E 82 17.90 14.00 6.89
N LEU E 83 18.28 13.62 8.11
CA LEU E 83 18.73 12.27 8.39
C LEU E 83 17.53 11.33 8.55
N LYS E 84 17.80 10.14 9.07
CA LYS E 84 16.86 9.03 9.17
C LYS E 84 16.76 8.64 10.64
N GLU E 85 16.21 7.45 10.90
CA GLU E 85 16.23 6.89 12.24
C GLU E 85 16.61 5.42 12.17
N HIS E 86 17.10 4.92 13.31
CA HIS E 86 17.42 3.51 13.52
C HIS E 86 18.57 3.02 12.65
N LEU E 87 19.43 3.92 12.19
CA LEU E 87 20.58 3.49 11.43
C LEU E 87 21.48 2.63 12.30
N ILE E 88 22.11 1.63 11.67
CA ILE E 88 22.85 0.60 12.39
C ILE E 88 24.33 0.79 12.12
N ASP E 89 25.12 0.86 13.19
CA ASP E 89 26.57 0.93 13.04
C ASP E 89 27.09 -0.37 12.44
N GLU E 90 27.99 -0.23 11.46
CA GLU E 90 28.65 -1.30 10.73
C GLU E 90 27.72 -2.06 9.80
N LEU E 91 26.42 -1.75 9.79
CA LEU E 91 25.49 -2.34 8.83
C LEU E 91 24.86 -1.31 7.90
N ASP E 92 24.23 -0.28 8.44
CA ASP E 92 23.75 0.83 7.61
C ASP E 92 24.84 1.89 7.43
N TYR E 93 25.48 2.30 8.52
CA TYR E 93 26.57 3.25 8.48
C TYR E 93 27.80 2.66 9.17
N ILE E 94 28.95 3.26 8.89
CA ILE E 94 30.19 2.96 9.59
C ILE E 94 30.80 4.27 10.06
N LEU E 95 31.82 4.18 10.91
CA LEU E 95 32.42 5.34 11.54
C LEU E 95 33.83 5.57 11.03
N LEU E 96 34.22 6.84 10.96
CA LEU E 96 35.52 7.26 10.46
C LEU E 96 35.90 8.60 11.08
N PRO E 97 37.10 8.75 11.62
CA PRO E 97 37.54 10.07 12.09
C PRO E 97 37.53 11.10 10.97
N THR E 98 37.81 12.34 11.36
CA THR E 98 37.82 13.43 10.39
C THR E 98 39.04 13.35 9.46
N GLU E 99 40.18 12.91 9.98
CA GLU E 99 41.42 12.91 9.19
C GLU E 99 41.29 12.04 7.94
N GLY E 100 40.95 10.77 8.12
CA GLY E 100 40.84 9.87 6.99
C GLY E 100 39.82 10.34 5.97
N TRP E 101 38.72 10.93 6.45
CA TRP E 101 37.70 11.48 5.57
C TRP E 101 38.31 12.47 4.60
N ASN E 102 38.92 13.53 5.13
CA ASN E 102 39.61 14.50 4.29
C ASN E 102 40.71 13.81 3.48
N LYS E 103 41.39 12.83 4.07
CA LYS E 103 42.39 12.07 3.34
C LYS E 103 41.74 11.20 2.27
N LEU E 104 40.48 10.79 2.47
CA LEU E 104 39.78 10.02 1.45
C LEU E 104 39.43 10.89 0.24
N VAL E 105 38.81 12.05 0.48
CA VAL E 105 38.39 12.90 -0.63
C VAL E 105 39.58 13.39 -1.45
N SER E 106 40.79 13.36 -0.88
CA SER E 106 42.00 13.52 -1.69
C SER E 106 42.17 12.38 -2.69
N TRP E 107 41.33 11.34 -2.61
CA TRP E 107 41.33 10.22 -3.54
C TRP E 107 39.99 10.05 -4.25
N TYR E 108 38.87 10.27 -3.56
CA TYR E 108 37.53 10.10 -4.13
C TYR E 108 36.62 11.20 -3.62
N THR E 109 36.05 11.98 -4.54
CA THR E 109 35.27 13.15 -4.17
C THR E 109 33.97 12.75 -3.48
N LEU E 110 33.38 13.71 -2.78
CA LEU E 110 32.01 13.54 -2.31
C LEU E 110 31.05 13.55 -3.49
N MET E 111 29.94 12.84 -3.33
CA MET E 111 28.87 12.90 -4.33
C MET E 111 28.46 14.34 -4.59
N GLU E 112 28.00 14.61 -5.81
CA GLU E 112 27.64 15.96 -6.23
C GLU E 112 26.56 16.57 -5.35
N GLY E 113 26.91 17.56 -4.55
CA GLY E 113 25.93 18.33 -3.81
C GLY E 113 25.22 17.63 -2.67
N GLN E 114 25.94 17.36 -1.58
CA GLN E 114 25.33 16.81 -0.37
C GLN E 114 26.00 17.43 0.86
N GLU E 115 25.20 17.90 1.79
CA GLU E 115 25.75 18.43 3.04
C GLU E 115 26.44 17.31 3.80
N PRO E 116 27.77 17.34 3.94
CA PRO E 116 28.47 16.20 4.56
C PRO E 116 28.00 15.96 5.98
N ILE E 117 27.92 14.69 6.37
CA ILE E 117 27.31 14.27 7.63
C ILE E 117 28.42 14.05 8.65
N ALA E 118 28.49 14.93 9.63
CA ALA E 118 29.32 14.75 10.81
C ALA E 118 28.44 14.82 12.05
N ARG E 119 28.75 13.99 13.04
CA ARG E 119 28.01 13.98 14.31
C ARG E 119 29.02 13.91 15.46
N LYS E 120 28.78 14.74 16.47
CA LYS E 120 29.78 14.97 17.50
C LYS E 120 29.76 13.89 18.56
N VAL E 121 30.93 13.66 19.17
CA VAL E 121 31.13 12.62 20.18
C VAL E 121 30.98 13.25 21.56
N VAL E 122 30.46 12.46 22.51
CA VAL E 122 30.36 12.89 23.89
C VAL E 122 30.81 11.74 24.79
N GLU E 123 31.26 12.09 25.98
CA GLU E 123 31.58 11.11 27.02
C GLU E 123 30.56 11.24 28.14
N GLN E 124 29.81 10.16 28.36
CA GLN E 124 28.86 10.10 29.46
C GLN E 124 29.59 9.61 30.71
N GLY E 125 29.37 10.31 31.83
CA GLY E 125 30.00 9.95 33.08
C GLY E 125 29.05 9.34 34.08
N MET E 126 29.38 8.14 34.56
CA MET E 126 28.57 7.45 35.55
C MET E 126 29.46 6.99 36.70
N PHE E 127 28.85 6.80 37.87
CA PHE E 127 29.53 6.28 39.04
C PHE E 127 28.85 5.01 39.47
N VAL E 128 29.63 3.95 39.68
CA VAL E 128 29.12 2.67 40.14
C VAL E 128 29.41 2.61 41.64
N LYS E 129 28.45 3.06 42.44
CA LYS E 129 28.63 3.20 43.88
C LYS E 129 28.22 1.92 44.59
N HIS E 130 29.08 1.46 45.50
CA HIS E 130 28.75 0.35 46.38
C HIS E 130 29.28 0.67 47.77
N CYS E 131 28.44 0.45 48.78
CA CYS E 131 28.83 0.75 50.15
C CYS E 131 29.71 -0.38 50.68
N LYS E 132 30.93 -0.03 51.08
CA LYS E 132 31.88 -0.97 51.65
C LYS E 132 32.14 -0.56 53.09
N VAL E 133 31.79 -1.43 54.04
CA VAL E 133 32.01 -1.15 55.45
C VAL E 133 33.50 -0.95 55.65
N GLU E 134 33.91 0.27 55.97
CA GLU E 134 35.33 0.58 56.07
C GLU E 134 35.90 -0.09 57.33
N VAL E 135 36.83 -1.02 57.12
CA VAL E 135 37.41 -1.80 58.21
C VAL E 135 38.81 -1.31 58.56
N TYR E 136 39.73 -1.33 57.60
CA TYR E 136 41.12 -0.95 57.84
C TYR E 136 41.47 0.43 57.31
N LEU E 137 41.37 0.61 55.98
CA LEU E 137 41.82 1.80 55.25
C LEU E 137 43.32 2.01 55.45
N THR E 138 44.00 1.02 56.04
CA THR E 138 45.44 1.11 56.23
C THR E 138 46.12 -0.25 56.29
N ALA F 6 31.24 15.91 -40.28
CA ALA F 6 31.97 16.40 -39.12
C ALA F 6 31.17 16.17 -37.84
N GLU F 7 30.19 15.28 -37.91
CA GLU F 7 29.31 14.96 -36.79
C GLU F 7 28.58 13.66 -37.11
N GLY F 8 27.65 13.27 -36.25
CA GLY F 8 26.85 12.08 -36.45
C GLY F 8 26.83 11.15 -35.26
N GLY F 9 27.97 11.01 -34.59
CA GLY F 9 28.02 10.20 -33.38
C GLY F 9 27.64 11.01 -32.16
N ALA F 10 28.38 12.09 -31.91
CA ALA F 10 28.04 13.02 -30.83
C ALA F 10 28.75 14.34 -31.14
N ALA F 11 27.98 15.36 -31.48
CA ALA F 11 28.55 16.68 -31.69
C ALA F 11 29.30 17.13 -30.43
N ASP F 12 30.34 17.94 -30.62
CA ASP F 12 31.16 18.38 -29.50
C ASP F 12 30.29 18.98 -28.41
N LEU F 13 30.60 18.61 -27.15
CA LEU F 13 29.71 18.91 -26.02
C LEU F 13 29.32 20.38 -25.95
N ASP F 14 30.17 21.27 -26.49
CA ASP F 14 29.79 22.67 -26.60
C ASP F 14 28.53 22.84 -27.44
N THR F 15 28.40 22.04 -28.51
CA THR F 15 27.20 22.08 -29.33
C THR F 15 26.06 21.31 -28.70
N GLN F 16 26.35 20.33 -27.84
CA GLN F 16 25.29 19.62 -27.16
C GLN F 16 24.60 20.47 -26.08
N ARG F 17 25.12 21.65 -25.78
CA ARG F 17 24.47 22.57 -24.85
C ARG F 17 23.91 23.81 -25.52
N SER F 18 24.64 24.43 -26.46
CA SER F 18 24.17 25.65 -27.09
C SER F 18 22.85 25.41 -27.83
N ASP F 19 22.75 24.27 -28.53
CA ASP F 19 21.52 23.95 -29.22
C ASP F 19 20.37 23.77 -28.24
N ILE F 20 20.54 22.86 -27.27
CA ILE F 20 19.46 22.57 -26.33
C ILE F 20 19.09 23.80 -25.52
N ALA F 21 20.08 24.64 -25.20
CA ALA F 21 19.77 25.93 -24.59
C ALA F 21 18.88 26.76 -25.50
N THR F 22 19.16 26.73 -26.80
CA THR F 22 18.31 27.40 -27.79
C THR F 22 17.11 26.56 -28.18
N LEU F 23 17.14 25.25 -27.89
CA LEU F 23 16.10 24.32 -28.32
C LEU F 23 15.17 23.89 -27.20
N LEU F 24 15.19 24.57 -26.05
CA LEU F 24 14.29 24.25 -24.95
C LEU F 24 13.17 25.27 -24.78
N LYS F 25 13.50 26.55 -24.68
CA LYS F 25 12.50 27.61 -24.65
C LYS F 25 12.11 28.00 -26.08
N THR F 26 11.67 27.00 -26.83
CA THR F 26 11.14 27.22 -28.16
C THR F 26 9.87 28.05 -28.08
N SER F 27 9.77 29.09 -28.91
CA SER F 27 8.56 29.90 -28.94
C SER F 27 7.39 29.01 -29.33
N LEU F 28 6.52 28.72 -28.37
CA LEU F 28 5.53 27.67 -28.54
C LEU F 28 4.45 28.12 -29.53
N ARG F 29 4.23 27.32 -30.57
CA ARG F 29 3.13 27.50 -31.48
C ARG F 29 2.35 26.19 -31.53
N LYS F 30 1.03 26.31 -31.68
CA LYS F 30 0.12 25.18 -31.47
C LYS F 30 0.45 24.02 -32.41
N GLY F 31 0.13 22.81 -31.94
CA GLY F 31 0.18 21.63 -32.79
C GLY F 31 1.54 20.96 -32.89
N ASP F 32 2.60 21.74 -32.72
CA ASP F 32 3.96 21.21 -32.87
C ASP F 32 4.21 20.16 -31.78
N THR F 33 4.22 18.89 -32.17
CA THR F 33 4.35 17.81 -31.20
C THR F 33 5.72 17.85 -30.53
N TRP F 34 5.72 17.69 -29.21
CA TRP F 34 6.94 17.66 -28.41
C TRP F 34 7.09 16.31 -27.73
N TYR F 35 8.30 16.02 -27.28
CA TYR F 35 8.61 14.79 -26.55
C TYR F 35 9.08 15.14 -25.15
N LEU F 36 8.85 14.23 -24.21
CA LEU F 36 9.26 14.41 -22.83
C LEU F 36 10.39 13.45 -22.49
N VAL F 37 11.22 13.85 -21.53
CA VAL F 37 12.33 13.05 -21.03
C VAL F 37 12.19 12.95 -19.52
N ASP F 38 12.62 11.81 -18.97
CA ASP F 38 12.76 11.68 -17.53
C ASP F 38 13.86 12.61 -17.04
N SER F 39 13.52 13.47 -16.08
CA SER F 39 14.51 14.40 -15.54
C SER F 39 15.72 13.67 -14.97
N ARG F 40 15.48 12.52 -14.33
CA ARG F 40 16.55 11.74 -13.73
C ARG F 40 17.61 11.39 -14.76
N TRP F 41 17.18 10.92 -15.94
CA TRP F 41 18.11 10.73 -17.05
C TRP F 41 18.71 12.06 -17.48
N PHE F 42 17.89 13.10 -17.60
CA PHE F 42 18.38 14.41 -18.03
C PHE F 42 19.29 15.03 -16.99
N LYS F 43 19.09 14.69 -15.71
CA LYS F 43 20.00 15.17 -14.66
C LYS F 43 21.43 14.72 -14.93
N GLN F 44 21.63 13.41 -15.12
CA GLN F 44 22.94 12.90 -15.50
C GLN F 44 23.41 13.48 -16.83
N TRP F 45 22.48 13.96 -17.67
CA TRP F 45 22.89 14.55 -18.94
C TRP F 45 23.50 15.93 -18.76
N LYS F 46 22.85 16.79 -17.96
CA LYS F 46 23.42 18.10 -17.65
C LYS F 46 24.86 17.97 -17.16
N LYS F 47 25.09 17.06 -16.21
CA LYS F 47 26.42 16.86 -15.65
C LYS F 47 27.42 16.42 -16.72
N TYR F 48 27.03 15.46 -17.56
CA TYR F 48 27.94 14.95 -18.57
C TYR F 48 28.37 16.06 -19.53
N VAL F 49 27.48 17.00 -19.83
CA VAL F 49 27.80 18.12 -20.71
C VAL F 49 28.17 19.37 -19.94
N GLY F 50 28.00 19.39 -18.63
CA GLY F 50 28.19 20.61 -17.88
C GLY F 50 27.23 21.67 -18.37
N PHE F 51 25.94 21.36 -18.35
CA PHE F 51 24.92 22.28 -18.85
C PHE F 51 25.02 23.63 -18.15
N ASP F 52 24.70 23.65 -16.86
CA ASP F 52 24.86 24.87 -16.09
C ASP F 52 26.35 25.14 -15.87
N SER F 53 26.74 26.41 -16.02
CA SER F 53 28.15 26.80 -16.00
C SER F 53 28.78 26.69 -14.62
N TRP F 54 28.15 26.08 -13.61
CA TRP F 54 28.70 26.05 -12.26
C TRP F 54 28.91 24.64 -11.70
N ASP F 55 28.46 23.59 -12.39
CA ASP F 55 28.77 22.22 -11.97
C ASP F 55 29.30 21.39 -13.14
N LYS F 56 30.02 22.04 -14.05
CA LYS F 56 30.68 21.41 -15.20
C LYS F 56 31.82 20.46 -14.79
N TYR F 57 31.97 20.18 -13.50
CA TYR F 57 33.03 19.31 -13.01
C TYR F 57 33.04 17.97 -13.75
N GLN F 58 31.86 17.37 -13.94
CA GLN F 58 31.75 16.01 -14.43
C GLN F 58 31.59 15.95 -15.95
N MET F 59 32.09 16.94 -16.68
CA MET F 59 32.04 16.89 -18.13
C MET F 59 33.00 15.81 -18.63
N GLY F 60 32.46 14.82 -19.34
CA GLY F 60 33.27 13.81 -19.98
C GLY F 60 33.50 12.55 -19.18
N ASP F 61 33.38 12.60 -17.85
CA ASP F 61 33.61 11.42 -17.04
C ASP F 61 32.52 10.38 -17.30
N GLN F 62 32.92 9.10 -17.32
CA GLN F 62 31.99 8.03 -17.66
C GLN F 62 31.05 7.68 -16.52
N ASN F 63 31.47 7.87 -15.27
CA ASN F 63 30.66 7.47 -14.12
C ASN F 63 29.29 8.14 -14.10
N VAL F 64 29.07 9.14 -14.94
CA VAL F 64 27.78 9.80 -15.07
C VAL F 64 27.26 9.74 -16.51
N TYR F 65 27.80 8.83 -17.32
CA TYR F 65 27.31 8.71 -18.69
C TYR F 65 25.83 8.31 -18.66
N PRO F 66 24.95 9.08 -19.28
CA PRO F 66 23.51 8.83 -19.12
C PRO F 66 23.03 7.54 -19.76
N GLY F 67 23.82 6.95 -20.64
CA GLY F 67 23.41 5.76 -21.36
C GLY F 67 22.33 6.08 -22.37
N PRO F 68 21.64 5.06 -22.85
CA PRO F 68 20.51 5.30 -23.75
C PRO F 68 19.38 6.03 -23.02
N ILE F 69 18.41 6.50 -23.81
CA ILE F 69 17.31 7.27 -23.25
C ILE F 69 16.39 6.30 -22.52
N ASP F 70 16.58 6.19 -21.21
CA ASP F 70 15.80 5.28 -20.37
C ASP F 70 14.65 6.06 -19.75
N ASN F 71 13.57 6.19 -20.52
CA ASN F 71 12.36 6.82 -20.03
C ASN F 71 11.49 5.87 -19.22
N SER F 72 11.97 4.66 -18.95
CA SER F 72 11.16 3.64 -18.28
C SER F 72 10.78 4.04 -16.85
N GLY F 73 11.49 4.98 -16.24
CA GLY F 73 11.04 5.50 -14.96
C GLY F 73 9.68 6.16 -15.05
N LEU F 74 9.31 6.65 -16.24
CA LEU F 74 8.03 7.28 -16.49
C LEU F 74 6.96 6.28 -16.91
N LEU F 75 7.32 5.31 -17.76
CA LEU F 75 6.37 4.29 -18.18
C LEU F 75 5.97 3.43 -16.99
N LYS F 76 4.69 3.46 -16.64
CA LYS F 76 4.16 2.64 -15.56
C LYS F 76 4.25 1.17 -15.96
N ASP F 77 5.19 0.46 -15.35
CA ASP F 77 5.45 -0.95 -15.64
C ASP F 77 5.64 -1.22 -17.13
N ALA F 80 2.79 -0.52 -18.60
CA ALA F 80 2.12 -0.49 -19.90
C ALA F 80 2.67 0.65 -20.76
N GLN F 81 2.12 0.78 -21.97
CA GLN F 81 2.43 1.91 -22.83
C GLN F 81 1.75 3.19 -22.36
N SER F 82 1.10 3.17 -21.21
CA SER F 82 0.44 4.32 -20.63
C SER F 82 1.22 4.79 -19.41
N LEU F 83 1.78 6.00 -19.50
CA LEU F 83 2.52 6.56 -18.39
C LEU F 83 1.55 6.94 -17.26
N LYS F 84 2.06 6.91 -16.04
CA LYS F 84 1.24 7.22 -14.88
C LYS F 84 0.84 8.69 -14.88
N GLU F 85 -0.24 8.99 -14.17
CA GLU F 85 -0.65 10.36 -13.98
C GLU F 85 0.04 10.97 -12.76
N HIS F 86 -0.29 12.22 -12.46
CA HIS F 86 0.28 12.99 -11.35
C HIS F 86 1.77 13.23 -11.49
N LEU F 87 2.29 13.15 -12.71
CA LEU F 87 3.67 13.56 -12.97
C LEU F 87 3.77 15.09 -12.93
N ILE F 88 5.01 15.57 -12.89
CA ILE F 88 5.28 16.99 -12.71
C ILE F 88 6.31 17.43 -13.74
N ASP F 89 6.06 18.56 -14.40
CA ASP F 89 7.05 19.15 -15.29
C ASP F 89 8.29 19.53 -14.51
N GLU F 90 9.45 19.27 -15.11
CA GLU F 90 10.79 19.62 -14.61
C GLU F 90 11.19 18.81 -13.38
N LEU F 91 10.32 17.95 -12.83
CA LEU F 91 10.69 17.08 -11.72
C LEU F 91 10.68 15.61 -12.12
N ASP F 92 9.55 15.09 -12.58
CA ASP F 92 9.50 13.73 -13.11
C ASP F 92 9.78 13.72 -14.61
N TYR F 93 9.15 14.63 -15.36
CA TYR F 93 9.40 14.76 -16.78
C TYR F 93 9.86 16.18 -17.10
N ILE F 94 10.62 16.30 -18.18
CA ILE F 94 10.97 17.59 -18.78
C ILE F 94 10.49 17.56 -20.22
N LEU F 95 10.20 18.74 -20.76
CA LEU F 95 9.60 18.85 -22.09
C LEU F 95 10.65 19.27 -23.12
N LEU F 96 10.62 18.63 -24.28
CA LEU F 96 11.56 18.91 -25.36
C LEU F 96 10.80 18.89 -26.68
N PRO F 97 11.04 19.85 -27.57
CA PRO F 97 10.41 19.82 -28.88
C PRO F 97 10.85 18.63 -29.72
N THR F 98 10.34 18.53 -30.95
CA THR F 98 10.70 17.41 -31.81
C THR F 98 12.16 17.48 -32.23
N GLU F 99 12.67 18.68 -32.52
CA GLU F 99 14.01 18.82 -33.07
C GLU F 99 15.08 18.29 -32.11
N GLY F 100 14.87 18.45 -30.80
CA GLY F 100 15.88 17.99 -29.86
C GLY F 100 15.91 16.48 -29.74
N TRP F 101 14.72 15.85 -29.60
CA TRP F 101 14.66 14.41 -29.45
C TRP F 101 15.35 13.69 -30.61
N ASN F 102 15.18 14.21 -31.82
CA ASN F 102 15.90 13.67 -32.97
C ASN F 102 17.38 14.01 -32.88
N LYS F 103 17.72 15.21 -32.42
CA LYS F 103 19.11 15.56 -32.16
C LYS F 103 19.68 14.82 -30.97
N LEU F 104 18.83 14.18 -30.15
CA LEU F 104 19.31 13.40 -29.00
C LEU F 104 19.57 11.94 -29.36
N VAL F 105 18.62 11.28 -30.03
CA VAL F 105 18.80 9.88 -30.41
C VAL F 105 19.98 9.73 -31.35
N SER F 106 20.18 10.69 -32.25
CA SER F 106 21.37 10.69 -33.09
C SER F 106 22.66 10.81 -32.27
N TRP F 107 22.57 10.92 -30.94
CA TRP F 107 23.71 11.05 -30.05
C TRP F 107 23.74 10.00 -28.95
N TYR F 108 22.59 9.71 -28.31
CA TYR F 108 22.50 8.82 -27.16
C TYR F 108 21.30 7.89 -27.34
N THR F 109 21.29 7.17 -28.48
CA THR F 109 20.13 6.51 -29.05
C THR F 109 19.19 5.91 -28.00
N LEU F 110 17.88 6.02 -28.27
CA LEU F 110 16.83 5.49 -27.41
C LEU F 110 17.14 4.09 -26.89
N MET F 111 16.72 3.81 -25.66
CA MET F 111 16.90 2.49 -25.06
C MET F 111 16.53 1.38 -26.03
N GLU F 112 17.24 0.26 -25.92
CA GLU F 112 16.99 -0.86 -26.81
C GLU F 112 15.56 -1.35 -26.69
N GLY F 113 14.84 -1.36 -27.80
CA GLY F 113 13.48 -1.87 -27.83
C GLY F 113 12.49 -0.99 -27.11
N GLN F 114 12.24 0.21 -27.62
CA GLN F 114 11.27 1.12 -27.02
C GLN F 114 10.56 1.93 -28.09
N GLU F 115 9.48 2.59 -27.67
CA GLU F 115 8.65 3.41 -28.52
C GLU F 115 8.68 4.84 -28.01
N PRO F 116 9.07 5.82 -28.84
CA PRO F 116 9.12 7.21 -28.36
C PRO F 116 7.74 7.78 -28.10
N ILE F 117 7.07 7.29 -27.06
CA ILE F 117 5.73 7.76 -26.74
C ILE F 117 5.81 9.21 -26.28
N ALA F 118 4.88 10.03 -26.77
CA ALA F 118 4.82 11.43 -26.37
C ALA F 118 3.37 11.88 -26.46
N ARG F 119 3.17 13.19 -26.34
CA ARG F 119 1.85 13.79 -26.33
C ARG F 119 1.82 14.97 -27.30
N LYS F 120 0.66 15.60 -27.42
CA LYS F 120 0.45 16.70 -28.34
C LYS F 120 0.12 17.98 -27.60
N VAL F 121 0.45 19.10 -28.23
CA VAL F 121 0.10 20.42 -27.71
C VAL F 121 -1.17 20.90 -28.41
N VAL F 122 -2.10 21.44 -27.63
CA VAL F 122 -3.31 22.07 -28.16
C VAL F 122 -3.43 23.45 -27.54
N GLU F 123 -4.52 24.14 -27.88
CA GLU F 123 -4.76 25.50 -27.41
C GLU F 123 -6.20 25.61 -26.94
N GLN F 124 -6.42 26.51 -25.98
CA GLN F 124 -7.75 26.77 -25.42
C GLN F 124 -8.00 28.26 -25.42
N GLY F 125 -9.04 28.69 -26.13
CA GLY F 125 -9.40 30.10 -26.15
C GLY F 125 -10.41 30.47 -25.08
N MET F 126 -10.04 31.41 -24.22
CA MET F 126 -10.94 31.94 -23.21
C MET F 126 -10.94 33.46 -23.30
N PHE F 127 -12.12 34.05 -23.12
CA PHE F 127 -12.31 35.50 -23.25
C PHE F 127 -12.78 36.07 -21.92
N VAL F 128 -11.88 36.77 -21.22
CA VAL F 128 -12.25 37.41 -19.96
C VAL F 128 -13.07 38.64 -20.30
N LYS F 129 -14.39 38.53 -20.17
CA LYS F 129 -15.29 39.61 -20.52
C LYS F 129 -15.70 40.39 -19.27
N HIS F 130 -16.01 41.67 -19.48
CA HIS F 130 -16.50 42.52 -18.41
C HIS F 130 -17.39 43.58 -19.04
N CYS F 131 -18.56 43.81 -18.44
CA CYS F 131 -19.51 44.76 -18.98
C CYS F 131 -19.18 46.16 -18.47
N LYS F 132 -19.11 47.11 -19.38
CA LYS F 132 -18.93 48.52 -19.05
C LYS F 132 -19.98 49.34 -19.79
N VAL F 133 -19.98 50.64 -19.55
CA VAL F 133 -20.96 51.55 -20.13
C VAL F 133 -20.29 52.28 -21.28
N GLU F 134 -20.80 52.08 -22.50
CA GLU F 134 -20.26 52.72 -23.69
C GLU F 134 -20.65 54.19 -23.65
N VAL F 135 -19.94 54.95 -22.82
CA VAL F 135 -20.20 56.37 -22.70
C VAL F 135 -19.63 57.11 -23.90
N TYR F 136 -18.46 56.70 -24.37
CA TYR F 136 -17.74 57.36 -25.46
C TYR F 136 -17.64 56.41 -26.65
N LEU F 137 -18.60 56.49 -27.56
CA LEU F 137 -18.70 55.61 -28.72
C LEU F 137 -17.67 55.90 -29.79
N THR F 138 -16.99 57.05 -29.72
CA THR F 138 -15.98 57.46 -30.72
C THR F 138 -16.53 57.39 -32.15
N GLY G 3 -53.11 -8.71 11.78
CA GLY G 3 -52.34 -9.37 10.74
C GLY G 3 -51.86 -8.44 9.65
N MET G 4 -50.79 -8.84 8.97
CA MET G 4 -50.22 -8.03 7.88
C MET G 4 -49.23 -8.86 7.08
N GLN G 5 -49.41 -8.89 5.77
CA GLN G 5 -48.48 -9.58 4.89
C GLN G 5 -47.27 -8.70 4.60
N ILE G 6 -46.10 -9.32 4.47
CA ILE G 6 -44.86 -8.59 4.23
C ILE G 6 -43.96 -9.45 3.35
N PHE G 7 -43.13 -8.79 2.54
CA PHE G 7 -42.23 -9.45 1.61
C PHE G 7 -40.78 -9.13 1.95
N VAL G 8 -39.88 -10.05 1.60
CA VAL G 8 -38.45 -9.91 1.84
C VAL G 8 -37.72 -10.33 0.57
N SER G 9 -36.82 -9.47 0.10
CA SER G 9 -36.05 -9.72 -1.12
C SER G 9 -34.69 -10.29 -0.75
N THR G 10 -34.33 -11.42 -1.36
CA THR G 10 -33.09 -12.12 -1.07
C THR G 10 -32.03 -11.89 -2.13
N ALA G 11 -32.29 -11.00 -3.09
CA ALA G 11 -31.33 -10.74 -4.16
C ALA G 11 -29.99 -10.28 -3.61
N TRP G 12 -30.00 -9.21 -2.81
CA TRP G 12 -28.78 -8.67 -2.22
C TRP G 12 -28.19 -9.59 -1.16
N PHE G 13 -28.86 -10.69 -0.83
CA PHE G 13 -28.29 -11.72 0.03
C PHE G 13 -27.85 -12.95 -0.75
N CYS G 14 -28.67 -13.40 -1.69
CA CYS G 14 -28.36 -14.59 -2.48
C CYS G 14 -27.61 -14.28 -3.76
N GLY G 15 -27.82 -13.11 -4.35
CA GLY G 15 -27.14 -12.76 -5.57
C GLY G 15 -25.64 -12.62 -5.38
N LYS G 16 -24.92 -12.76 -6.49
CA LYS G 16 -23.47 -12.67 -6.51
C LYS G 16 -23.05 -11.40 -7.24
N LEU G 17 -21.82 -10.98 -6.96
CA LEU G 17 -21.21 -9.85 -7.65
C LEU G 17 -20.00 -10.38 -8.42
N ILE G 18 -20.24 -10.89 -9.62
CA ILE G 18 -19.22 -11.60 -10.37
C ILE G 18 -18.48 -10.63 -11.27
N THR G 19 -17.22 -10.95 -11.52
CA THR G 19 -16.31 -10.11 -12.32
C THR G 19 -15.96 -10.85 -13.60
N LEU G 20 -16.17 -10.21 -14.74
CA LEU G 20 -15.86 -10.80 -16.02
C LEU G 20 -14.77 -10.00 -16.73
N GLU G 21 -14.05 -10.69 -17.61
CA GLU G 21 -12.97 -10.07 -18.39
C GLU G 21 -12.97 -10.72 -19.77
N VAL G 22 -13.57 -10.02 -20.74
CA VAL G 22 -13.59 -10.45 -22.14
C VAL G 22 -13.31 -9.23 -23.01
N GLU G 23 -13.00 -9.50 -24.27
CA GLU G 23 -12.80 -8.43 -25.24
C GLU G 23 -14.14 -7.95 -25.77
N PRO G 24 -14.22 -6.70 -26.24
CA PRO G 24 -15.53 -6.14 -26.65
C PRO G 24 -16.21 -6.91 -27.77
N SER G 25 -15.48 -7.74 -28.52
CA SER G 25 -16.00 -8.38 -29.72
C SER G 25 -16.95 -9.52 -29.34
N ASP G 26 -18.06 -9.14 -28.72
CA ASP G 26 -19.08 -10.08 -28.28
C ASP G 26 -20.44 -9.67 -28.81
N THR G 27 -21.25 -10.66 -29.16
CA THR G 27 -22.63 -10.46 -29.54
C THR G 27 -23.53 -11.14 -28.52
N ILE G 28 -24.73 -10.56 -28.32
CA ILE G 28 -25.61 -10.98 -27.23
C ILE G 28 -25.78 -12.49 -27.20
N GLU G 29 -25.87 -13.13 -28.37
CA GLU G 29 -26.03 -14.58 -28.42
C GLU G 29 -24.83 -15.28 -27.81
N ASN G 30 -23.63 -14.74 -28.03
CA ASN G 30 -22.41 -15.30 -27.50
C ASN G 30 -22.07 -14.80 -26.11
N VAL G 31 -22.77 -13.77 -25.61
CA VAL G 31 -22.40 -13.15 -24.35
C VAL G 31 -22.80 -14.03 -23.17
N LYS G 32 -24.03 -14.53 -23.17
CA LYS G 32 -24.56 -15.22 -21.99
C LYS G 32 -23.73 -16.44 -21.61
N ALA G 33 -23.11 -17.10 -22.59
CA ALA G 33 -22.48 -18.39 -22.34
C ALA G 33 -21.31 -18.28 -21.38
N LYS G 34 -20.63 -17.13 -21.35
CA LYS G 34 -19.39 -17.00 -20.59
C LYS G 34 -19.53 -17.44 -19.14
N ILE G 35 -20.75 -17.43 -18.61
CA ILE G 35 -20.96 -17.90 -17.24
C ILE G 35 -21.11 -19.41 -17.16
N GLN G 36 -21.35 -20.09 -18.28
CA GLN G 36 -21.35 -21.56 -18.24
C GLN G 36 -19.99 -22.12 -17.87
N ASP G 37 -18.92 -21.38 -18.15
CA ASP G 37 -17.61 -21.73 -17.60
C ASP G 37 -17.52 -21.32 -16.14
N LYS G 38 -17.89 -20.07 -15.82
CA LYS G 38 -17.70 -19.52 -14.48
C LYS G 38 -18.85 -19.90 -13.54
N GLU G 39 -20.06 -19.48 -13.84
CA GLU G 39 -21.19 -19.81 -12.99
C GLU G 39 -21.90 -21.08 -13.41
N GLY G 40 -21.61 -21.59 -14.60
CA GLY G 40 -22.19 -22.84 -15.06
C GLY G 40 -23.68 -22.79 -15.29
N ILE G 41 -24.13 -22.01 -16.27
CA ILE G 41 -25.55 -21.89 -16.58
C ILE G 41 -25.74 -21.91 -18.09
N PRO G 42 -26.65 -22.72 -18.61
CA PRO G 42 -26.93 -22.69 -20.06
C PRO G 42 -27.50 -21.35 -20.46
N PRO G 43 -27.06 -20.80 -21.61
CA PRO G 43 -27.61 -19.52 -22.07
C PRO G 43 -29.03 -19.64 -22.59
N ASP G 44 -29.94 -20.12 -21.74
CA ASP G 44 -31.34 -20.27 -22.10
C ASP G 44 -32.27 -19.55 -21.13
N GLN G 45 -31.95 -19.59 -19.83
CA GLN G 45 -32.69 -18.83 -18.83
C GLN G 45 -32.07 -17.49 -18.53
N GLN G 46 -30.86 -17.22 -19.01
CA GLN G 46 -30.22 -15.94 -18.79
C GLN G 46 -31.01 -14.82 -19.45
N ARG G 47 -31.56 -13.92 -18.64
CA ARG G 47 -32.25 -12.73 -19.10
C ARG G 47 -31.42 -11.53 -18.63
N LEU G 48 -30.85 -10.81 -19.59
CA LEU G 48 -29.85 -9.77 -19.30
C LEU G 48 -30.46 -8.39 -19.52
N ILE G 49 -30.44 -7.56 -18.47
CA ILE G 49 -30.96 -6.21 -18.51
C ILE G 49 -29.83 -5.23 -18.26
N PHE G 50 -29.67 -4.27 -19.16
CA PHE G 50 -28.90 -3.07 -18.89
C PHE G 50 -29.86 -1.93 -18.55
N ALA G 51 -29.29 -0.81 -18.10
CA ALA G 51 -30.08 0.34 -17.64
C ALA G 51 -31.20 0.66 -18.61
N GLY G 52 -32.43 0.49 -18.15
CA GLY G 52 -33.61 0.65 -19.01
C GLY G 52 -34.02 -0.68 -19.64
N LYS G 53 -33.72 -0.84 -20.93
CA LYS G 53 -34.30 -1.92 -21.71
C LYS G 53 -33.45 -3.19 -21.64
N GLN G 54 -34.08 -4.30 -22.01
CA GLN G 54 -33.39 -5.57 -22.19
C GLN G 54 -32.69 -5.52 -23.55
N LEU G 55 -32.19 -6.67 -23.99
CA LEU G 55 -31.40 -6.77 -25.21
C LEU G 55 -31.89 -7.92 -26.07
N GLU G 56 -31.68 -7.79 -27.39
CA GLU G 56 -32.02 -8.82 -28.35
C GLU G 56 -30.80 -9.67 -28.66
N ASP G 57 -31.05 -10.94 -28.97
CA ASP G 57 -29.97 -11.91 -29.12
C ASP G 57 -29.03 -11.53 -30.26
N GLY G 58 -27.74 -11.85 -30.08
CA GLY G 58 -26.74 -11.66 -31.11
C GLY G 58 -26.34 -10.23 -31.40
N ARG G 59 -26.74 -9.27 -30.58
CA ARG G 59 -26.49 -7.87 -30.88
C ARG G 59 -25.17 -7.40 -30.29
N THR G 60 -24.68 -6.28 -30.80
CA THR G 60 -23.38 -5.75 -30.41
C THR G 60 -23.42 -5.19 -29.00
N LEU G 61 -22.24 -4.76 -28.52
CA LEU G 61 -22.16 -3.89 -27.36
C LEU G 61 -22.44 -2.44 -27.73
N SER G 62 -22.06 -2.04 -28.96
CA SER G 62 -22.14 -0.63 -29.33
C SER G 62 -23.58 -0.12 -29.30
N ASP G 63 -24.53 -0.96 -29.71
CA ASP G 63 -25.94 -0.60 -29.58
C ASP G 63 -26.36 -0.44 -28.12
N TYR G 64 -25.54 -0.91 -27.18
CA TYR G 64 -25.78 -0.77 -25.75
C TYR G 64 -24.70 0.00 -25.02
N ASN G 65 -23.55 0.26 -25.67
CA ASN G 65 -22.57 1.26 -25.21
C ASN G 65 -22.07 0.96 -23.80
N ILE G 66 -21.31 -0.13 -23.69
CA ILE G 66 -20.71 -0.55 -22.44
C ILE G 66 -19.21 -0.26 -22.48
N GLN G 67 -18.75 0.62 -21.58
CA GLN G 67 -17.35 0.94 -21.44
C GLN G 67 -16.72 0.06 -20.35
N LYS G 68 -15.48 0.39 -19.97
CA LYS G 68 -14.75 -0.41 -19.01
C LYS G 68 -15.37 -0.31 -17.62
N GLU G 69 -15.29 -1.41 -16.87
CA GLU G 69 -15.73 -1.49 -15.48
C GLU G 69 -17.20 -1.07 -15.34
N SER G 70 -18.08 -1.86 -15.95
CA SER G 70 -19.52 -1.66 -15.85
C SER G 70 -20.16 -2.91 -15.28
N GLY G 71 -21.38 -2.74 -14.78
CA GLY G 71 -22.14 -3.84 -14.20
C GLY G 71 -23.42 -4.08 -14.98
N LEU G 72 -23.88 -5.33 -14.95
CA LEU G 72 -25.05 -5.74 -15.72
C LEU G 72 -26.02 -6.50 -14.82
N GLN G 73 -27.28 -6.08 -14.83
CA GLN G 73 -28.30 -6.76 -14.04
C GLN G 73 -28.64 -8.11 -14.66
N LEU G 74 -28.61 -9.15 -13.85
CA LEU G 74 -28.92 -10.50 -14.29
C LEU G 74 -30.33 -10.90 -13.84
N HIS G 75 -31.06 -11.55 -14.74
CA HIS G 75 -32.39 -12.05 -14.45
C HIS G 75 -32.55 -13.43 -15.09
N ARG G 76 -33.43 -14.23 -14.51
CA ARG G 76 -33.72 -15.57 -15.04
C ARG G 76 -34.96 -15.52 -15.91
N ARG G 77 -34.91 -16.19 -17.05
CA ARG G 77 -35.98 -16.14 -18.03
C ARG G 77 -36.62 -17.50 -18.21
N LEU G 78 -37.66 -17.53 -19.05
CA LEU G 78 -38.45 -18.72 -19.36
C LEU G 78 -38.58 -18.77 -20.88
N ARG G 79 -37.68 -19.50 -21.53
CA ARG G 79 -37.66 -19.61 -22.99
C ARG G 79 -37.55 -18.25 -23.67
N GLY H 3 -2.78 -9.88 -28.39
CA GLY H 3 -1.59 -9.18 -27.92
C GLY H 3 -0.30 -9.92 -28.21
N MET H 4 0.69 -9.21 -28.73
CA MET H 4 2.01 -9.81 -28.99
C MET H 4 3.02 -8.70 -29.23
N GLN H 5 4.19 -8.85 -28.64
CA GLN H 5 5.31 -7.93 -28.81
C GLN H 5 6.27 -8.49 -29.86
N ILE H 6 6.88 -7.59 -30.63
CA ILE H 6 7.69 -7.99 -31.78
C ILE H 6 8.83 -7.00 -31.95
N PHE H 7 9.88 -7.45 -32.64
CA PHE H 7 11.04 -6.62 -32.95
C PHE H 7 11.28 -6.63 -34.46
N VAL H 8 11.62 -5.47 -35.01
CA VAL H 8 11.96 -5.33 -36.42
C VAL H 8 13.28 -4.56 -36.49
N SER H 9 14.31 -5.19 -37.06
CA SER H 9 15.64 -4.61 -37.16
C SER H 9 15.80 -3.93 -38.51
N THR H 10 15.80 -2.60 -38.53
CA THR H 10 16.12 -1.82 -39.72
C THR H 10 17.61 -1.60 -39.87
N ALA H 11 18.44 -2.40 -39.19
CA ALA H 11 19.88 -2.28 -39.36
C ALA H 11 20.28 -2.43 -40.81
N TRP H 12 19.69 -3.43 -41.50
CA TRP H 12 20.01 -3.66 -42.90
C TRP H 12 19.44 -2.59 -43.83
N PHE H 13 18.61 -1.68 -43.33
CA PHE H 13 18.13 -0.55 -44.11
C PHE H 13 18.68 0.78 -43.63
N CYS H 14 18.50 1.12 -42.36
CA CYS H 14 19.00 2.38 -41.82
C CYS H 14 20.51 2.29 -41.61
N GLY H 15 21.21 1.95 -42.69
CA GLY H 15 22.64 1.71 -42.62
C GLY H 15 23.24 1.69 -44.01
N LYS H 16 24.53 2.00 -44.06
CA LYS H 16 25.29 2.06 -45.30
C LYS H 16 26.39 1.01 -45.25
N LEU H 17 27.16 0.94 -46.34
CA LEU H 17 28.41 0.20 -46.35
C LEU H 17 29.34 0.91 -47.31
N ILE H 18 30.60 1.06 -46.90
CA ILE H 18 31.54 1.90 -47.64
C ILE H 18 32.75 1.06 -48.04
N THR H 19 33.46 1.56 -49.05
CA THR H 19 34.61 0.89 -49.62
C THR H 19 35.86 1.72 -49.35
N LEU H 20 36.92 1.05 -48.91
CA LEU H 20 38.15 1.74 -48.54
C LEU H 20 39.32 1.21 -49.36
N GLU H 21 40.30 2.10 -49.58
CA GLU H 21 41.44 1.87 -50.44
C GLU H 21 42.74 2.12 -49.69
N VAL H 22 42.72 1.94 -48.37
CA VAL H 22 43.78 2.45 -47.51
C VAL H 22 44.86 1.39 -47.32
N GLU H 23 46.01 1.82 -46.82
CA GLU H 23 47.20 0.99 -46.76
C GLU H 23 46.98 -0.23 -45.87
N PRO H 24 47.62 -1.35 -46.19
CA PRO H 24 47.54 -2.51 -45.28
C PRO H 24 48.15 -2.24 -43.92
N SER H 25 49.37 -1.71 -43.90
CA SER H 25 50.09 -1.43 -42.66
C SER H 25 49.44 -0.34 -41.82
N ASP H 26 48.29 0.19 -42.24
CA ASP H 26 47.58 1.18 -41.44
C ASP H 26 47.27 0.61 -40.06
N THR H 27 47.65 1.36 -39.02
CA THR H 27 47.35 0.93 -37.66
C THR H 27 45.86 0.92 -37.42
N ILE H 28 45.40 0.01 -36.55
CA ILE H 28 43.98 -0.06 -36.23
C ILE H 28 43.49 1.27 -35.67
N GLU H 29 44.27 1.89 -34.79
CA GLU H 29 43.89 3.18 -34.24
C GLU H 29 43.69 4.22 -35.32
N ASN H 30 44.37 4.07 -36.46
CA ASN H 30 44.23 5.01 -37.56
C ASN H 30 42.95 4.77 -38.36
N VAL H 31 42.47 3.53 -38.42
CA VAL H 31 41.36 3.19 -39.33
C VAL H 31 40.10 3.97 -38.98
N LYS H 32 39.81 4.10 -37.68
CA LYS H 32 38.55 4.71 -37.26
C LYS H 32 38.44 6.19 -37.64
N ALA H 33 39.56 6.85 -37.89
CA ALA H 33 39.55 8.28 -38.19
C ALA H 33 39.37 8.59 -39.67
N LYS H 34 39.81 7.71 -40.57
CA LYS H 34 39.78 8.02 -42.00
C LYS H 34 38.37 8.32 -42.50
N ILE H 35 37.34 7.97 -41.72
CA ILE H 35 35.97 8.34 -42.07
C ILE H 35 35.53 9.63 -41.40
N GLN H 36 36.31 10.16 -40.44
CA GLN H 36 36.01 11.49 -39.92
C GLN H 36 36.05 12.53 -41.04
N ASP H 37 36.80 12.26 -42.10
CA ASP H 37 36.81 13.11 -43.28
C ASP H 37 35.73 12.70 -44.29
N LYS H 38 35.57 11.40 -44.52
CA LYS H 38 34.53 10.94 -45.45
C LYS H 38 33.16 10.89 -44.79
N GLU H 39 33.01 10.09 -43.73
CA GLU H 39 31.73 9.97 -43.05
C GLU H 39 31.54 11.03 -41.97
N GLY H 40 32.62 11.53 -41.40
CA GLY H 40 32.52 12.66 -40.49
C GLY H 40 32.17 12.34 -39.05
N ILE H 41 32.52 11.15 -38.58
CA ILE H 41 32.27 10.74 -37.19
C ILE H 41 33.63 10.56 -36.52
N PRO H 42 33.87 11.22 -35.39
CA PRO H 42 35.16 11.07 -34.70
C PRO H 42 35.41 9.64 -34.26
N PRO H 43 36.67 9.24 -34.06
CA PRO H 43 36.94 7.82 -33.79
C PRO H 43 36.56 7.37 -32.41
N ASP H 44 36.31 8.27 -31.46
CA ASP H 44 36.02 7.86 -30.09
C ASP H 44 34.74 7.04 -30.00
N GLN H 45 33.80 7.25 -30.93
CA GLN H 45 32.56 6.49 -30.97
C GLN H 45 32.62 5.36 -31.99
N GLN H 46 33.78 4.72 -32.15
CA GLN H 46 33.96 3.71 -33.18
C GLN H 46 34.57 2.46 -32.55
N ARG H 47 33.78 1.40 -32.49
CA ARG H 47 34.29 0.06 -32.22
C ARG H 47 34.00 -0.82 -33.42
N LEU H 48 34.96 -1.67 -33.77
CA LEU H 48 34.89 -2.47 -34.98
C LEU H 48 34.98 -3.95 -34.63
N ILE H 49 34.13 -4.75 -35.25
CA ILE H 49 34.05 -6.19 -34.98
C ILE H 49 34.42 -6.92 -36.26
N PHE H 50 35.57 -7.58 -36.25
CA PHE H 50 35.93 -8.56 -37.28
C PHE H 50 35.37 -9.90 -36.84
N ALA H 51 35.79 -10.99 -37.50
CA ALA H 51 35.36 -12.32 -37.13
C ALA H 51 35.61 -12.58 -35.65
N GLY H 52 34.54 -12.71 -34.87
CA GLY H 52 34.65 -12.94 -33.43
C GLY H 52 34.77 -11.63 -32.65
N LYS H 53 35.97 -11.34 -32.16
CA LYS H 53 36.14 -10.28 -31.17
C LYS H 53 36.24 -8.91 -31.82
N GLN H 54 35.92 -7.90 -31.02
CA GLN H 54 36.25 -6.53 -31.37
C GLN H 54 37.76 -6.34 -31.33
N LEU H 55 38.28 -5.56 -32.27
CA LEU H 55 39.70 -5.32 -32.40
C LEU H 55 40.15 -4.14 -31.54
N GLU H 56 41.38 -4.24 -31.02
CA GLU H 56 41.98 -3.17 -30.25
C GLU H 56 42.72 -2.22 -31.18
N ASP H 57 42.75 -0.95 -30.78
CA ASP H 57 43.45 0.07 -31.55
C ASP H 57 44.94 -0.23 -31.60
N GLY H 58 45.67 0.60 -32.35
CA GLY H 58 47.12 0.55 -32.35
C GLY H 58 47.73 -0.55 -33.20
N ARG H 59 47.16 -1.75 -33.15
CA ARG H 59 47.68 -2.85 -33.94
C ARG H 59 47.52 -2.54 -35.43
N THR H 60 48.11 -3.39 -36.27
CA THR H 60 47.99 -3.18 -37.70
C THR H 60 46.76 -3.94 -38.22
N LEU H 61 46.49 -3.79 -39.52
CA LEU H 61 45.36 -4.48 -40.13
C LEU H 61 45.51 -6.00 -40.01
N SER H 62 46.49 -6.57 -40.70
CA SER H 62 46.68 -8.02 -40.66
C SER H 62 47.14 -8.50 -39.30
N ASP H 63 47.53 -7.59 -38.39
CA ASP H 63 47.86 -7.99 -37.03
C ASP H 63 46.71 -8.73 -36.36
N TYR H 64 45.50 -8.60 -36.89
CA TYR H 64 44.37 -9.45 -36.51
C TYR H 64 44.01 -10.43 -37.61
N ASN H 65 45.03 -10.89 -38.35
CA ASN H 65 44.86 -11.91 -39.39
C ASN H 65 43.86 -11.47 -40.46
N ILE H 66 44.11 -10.29 -41.02
CA ILE H 66 43.24 -9.70 -42.03
C ILE H 66 43.90 -9.84 -43.39
N GLN H 67 43.20 -10.46 -44.32
CA GLN H 67 43.65 -10.56 -45.70
C GLN H 67 42.97 -9.49 -46.54
N LYS H 68 43.13 -9.57 -47.86
CA LYS H 68 42.57 -8.57 -48.76
C LYS H 68 41.11 -8.87 -49.08
N GLU H 69 40.38 -7.81 -49.44
CA GLU H 69 38.97 -7.89 -49.81
C GLU H 69 38.13 -8.51 -48.71
N SER H 70 38.26 -7.97 -47.50
CA SER H 70 37.47 -8.39 -46.35
C SER H 70 36.44 -7.31 -45.99
N GLY H 71 35.55 -7.66 -45.07
CA GLY H 71 34.49 -6.75 -44.67
C GLY H 71 34.41 -6.54 -43.17
N LEU H 72 34.43 -5.28 -42.74
CA LEU H 72 34.44 -4.92 -41.33
C LEU H 72 33.04 -4.52 -40.88
N GLN H 73 32.60 -5.10 -39.76
CA GLN H 73 31.36 -4.66 -39.13
C GLN H 73 31.64 -3.44 -38.25
N LEU H 74 30.84 -2.40 -38.42
CA LEU H 74 30.97 -1.17 -37.65
C LEU H 74 29.91 -1.16 -36.56
N HIS H 75 30.32 -0.84 -35.34
CA HIS H 75 29.40 -0.71 -34.22
C HIS H 75 29.70 0.60 -33.49
N ARG H 76 28.68 1.12 -32.80
CA ARG H 76 28.78 2.40 -32.12
C ARG H 76 29.32 2.20 -30.71
N ARG H 77 30.40 2.90 -30.39
CA ARG H 77 30.94 2.94 -29.04
C ARG H 77 30.46 4.21 -28.35
N LEU H 78 29.95 4.07 -27.13
CA LEU H 78 29.37 5.22 -26.44
C LEU H 78 29.69 5.30 -24.95
N ARG H 79 30.36 4.32 -24.37
CA ARG H 79 30.62 4.35 -22.94
C ARG H 79 31.72 5.34 -22.54
N PRO H 80 32.86 5.38 -23.24
CA PRO H 80 34.13 5.74 -22.60
C PRO H 80 34.15 5.65 -21.06
N GLY I 3 -38.88 13.79 38.05
CA GLY I 3 -38.36 14.73 37.06
C GLY I 3 -36.89 15.06 37.27
N MET I 4 -36.20 15.41 36.19
CA MET I 4 -34.76 15.65 36.25
C MET I 4 -34.32 16.50 35.08
N GLN I 5 -33.49 17.50 35.34
CA GLN I 5 -32.95 18.38 34.32
C GLN I 5 -31.50 17.98 34.03
N ILE I 6 -31.12 18.00 32.76
CA ILE I 6 -29.82 17.48 32.36
C ILE I 6 -29.33 18.26 31.14
N PHE I 7 -28.01 18.36 31.01
CA PHE I 7 -27.36 19.11 29.94
C PHE I 7 -26.60 18.17 29.01
N VAL I 8 -26.33 18.66 27.80
CA VAL I 8 -25.55 17.93 26.81
C VAL I 8 -24.59 18.91 26.15
N SER I 9 -23.30 18.58 26.16
CA SER I 9 -22.26 19.40 25.55
C SER I 9 -21.96 18.87 24.16
N THR I 10 -22.30 19.65 23.14
CA THR I 10 -22.05 19.30 21.75
C THR I 10 -20.74 19.90 21.23
N ALA I 11 -19.91 20.43 22.12
CA ALA I 11 -18.68 21.08 21.69
C ALA I 11 -17.78 20.11 20.93
N TRP I 12 -17.63 18.89 21.44
CA TRP I 12 -16.77 17.90 20.79
C TRP I 12 -17.31 17.43 19.45
N PHE I 13 -18.57 17.74 19.13
CA PHE I 13 -19.13 17.45 17.81
C PHE I 13 -19.13 18.69 16.92
N CYS I 14 -19.79 19.76 17.38
CA CYS I 14 -19.88 20.97 16.57
C CYS I 14 -18.51 21.55 16.27
N GLY I 15 -17.63 21.56 17.25
CA GLY I 15 -16.30 22.09 17.07
C GLY I 15 -15.45 21.25 16.14
N LYS I 16 -14.22 21.71 15.93
CA LYS I 16 -13.27 21.05 15.06
C LYS I 16 -11.88 21.56 15.44
N LEU I 17 -10.86 21.02 14.78
CA LEU I 17 -9.52 21.58 14.92
C LEU I 17 -8.81 21.48 13.58
N ILE I 18 -8.05 22.53 13.26
CA ILE I 18 -7.33 22.65 11.99
C ILE I 18 -5.91 23.11 12.29
N THR I 19 -5.01 22.82 11.36
CA THR I 19 -3.60 23.16 11.52
C THR I 19 -3.39 24.65 11.26
N LEU I 20 -2.13 25.06 11.28
CA LEU I 20 -1.74 26.42 10.97
C LEU I 20 -0.69 26.41 9.87
N GLU I 21 -0.54 27.57 9.23
CA GLU I 21 0.48 27.84 8.23
C GLU I 21 1.23 29.11 8.60
N VAL I 22 1.66 29.18 9.85
CA VAL I 22 2.12 30.42 10.46
C VAL I 22 3.62 30.38 10.74
N GLU I 23 4.17 31.50 11.21
CA GLU I 23 5.55 31.58 11.64
C GLU I 23 5.65 31.42 13.15
N PRO I 24 6.65 30.69 13.64
CA PRO I 24 6.78 30.45 15.07
C PRO I 24 7.17 31.67 15.89
N SER I 25 7.23 32.85 15.28
CA SER I 25 7.64 34.06 15.98
C SER I 25 6.56 35.14 16.02
N ASP I 26 5.40 34.90 15.39
CA ASP I 26 4.42 35.95 15.17
C ASP I 26 3.78 36.41 16.49
N THR I 27 2.95 37.44 16.39
CA THR I 27 2.25 38.03 17.51
C THR I 27 0.85 37.43 17.62
N ILE I 28 0.26 37.55 18.82
CA ILE I 28 -1.08 37.02 19.06
C ILE I 28 -2.08 37.67 18.11
N GLU I 29 -2.05 39.01 18.03
CA GLU I 29 -2.96 39.73 17.14
C GLU I 29 -2.83 39.24 15.70
N ASN I 30 -1.64 38.77 15.31
CA ASN I 30 -1.47 38.22 13.98
C ASN I 30 -2.13 36.86 13.84
N VAL I 31 -2.18 36.07 14.92
CA VAL I 31 -2.64 34.68 14.84
C VAL I 31 -4.08 34.61 14.32
N LYS I 32 -4.99 35.32 14.98
CA LYS I 32 -6.42 35.18 14.71
C LYS I 32 -6.79 35.53 13.27
N ALA I 33 -5.97 36.34 12.59
CA ALA I 33 -6.28 36.73 11.22
C ALA I 33 -6.16 35.56 10.24
N LYS I 34 -5.55 34.45 10.65
CA LYS I 34 -5.36 33.33 9.74
C LYS I 34 -6.67 32.68 9.34
N ILE I 35 -7.69 32.75 10.19
CA ILE I 35 -8.95 32.06 9.92
C ILE I 35 -10.00 32.95 9.28
N GLN I 36 -9.85 34.28 9.35
CA GLN I 36 -10.82 35.16 8.71
C GLN I 36 -10.91 34.91 7.22
N ASP I 37 -9.82 34.46 6.60
CA ASP I 37 -9.87 34.06 5.20
C ASP I 37 -10.28 32.61 5.03
N LYS I 38 -9.75 31.70 5.86
CA LYS I 38 -10.16 30.31 5.78
C LYS I 38 -11.52 30.10 6.42
N GLU I 39 -11.63 30.32 7.73
CA GLU I 39 -12.86 30.03 8.45
C GLU I 39 -13.86 31.18 8.39
N GLY I 40 -13.36 32.42 8.25
CA GLY I 40 -14.24 33.55 8.05
C GLY I 40 -14.81 34.18 9.31
N ILE I 41 -13.96 34.34 10.33
CA ILE I 41 -14.35 34.98 11.59
C ILE I 41 -13.39 36.12 11.84
N PRO I 42 -13.87 37.34 12.06
CA PRO I 42 -12.96 38.46 12.34
C PRO I 42 -12.27 38.29 13.68
N PRO I 43 -10.99 38.68 13.78
CA PRO I 43 -10.25 38.50 15.04
C PRO I 43 -10.81 39.28 16.22
N ASP I 44 -11.82 40.12 16.02
CA ASP I 44 -12.44 40.82 17.14
C ASP I 44 -13.13 39.85 18.08
N GLN I 45 -13.70 38.77 17.53
CA GLN I 45 -14.54 37.85 18.26
C GLN I 45 -13.86 36.49 18.41
N GLN I 46 -12.57 36.49 18.72
CA GLN I 46 -11.81 35.26 18.92
C GLN I 46 -11.07 35.35 20.24
N ARG I 47 -11.41 34.48 21.17
CA ARG I 47 -10.73 34.38 22.47
C ARG I 47 -9.94 33.08 22.49
N LEU I 48 -8.62 33.18 22.56
CA LEU I 48 -7.76 32.01 22.50
C LEU I 48 -7.20 31.72 23.89
N ILE I 49 -7.11 30.44 24.23
CA ILE I 49 -6.73 29.98 25.56
C ILE I 49 -5.60 28.98 25.44
N PHE I 50 -4.55 29.16 26.24
CA PHE I 50 -3.52 28.15 26.42
C PHE I 50 -3.75 27.45 27.75
N ALA I 51 -2.86 26.52 28.08
CA ALA I 51 -2.91 25.80 29.35
C ALA I 51 -2.98 26.80 30.51
N GLY I 52 -4.11 26.80 31.22
CA GLY I 52 -4.30 27.78 32.27
C GLY I 52 -4.88 29.09 31.77
N LYS I 53 -4.00 30.05 31.52
CA LYS I 53 -4.39 31.42 31.23
C LYS I 53 -4.69 31.62 29.75
N GLN I 54 -5.76 32.38 29.47
CA GLN I 54 -5.99 32.86 28.12
C GLN I 54 -4.89 33.84 27.72
N LEU I 55 -4.47 33.76 26.46
CA LEU I 55 -3.40 34.61 25.97
C LEU I 55 -3.90 36.03 25.74
N GLU I 56 -2.97 36.98 25.73
CA GLU I 56 -3.28 38.39 25.58
C GLU I 56 -3.06 38.84 24.14
N ASP I 57 -3.89 39.79 23.71
CA ASP I 57 -3.82 40.29 22.33
C ASP I 57 -2.51 41.00 22.08
N GLY I 58 -2.15 41.10 20.79
CA GLY I 58 -1.07 41.94 20.35
C GLY I 58 0.34 41.44 20.62
N ARG I 59 0.53 40.63 21.66
CA ARG I 59 1.86 40.19 22.04
C ARG I 59 2.28 38.96 21.23
N THR I 60 3.56 38.62 21.34
CA THR I 60 4.10 37.51 20.56
C THR I 60 3.67 36.17 21.15
N LEU I 61 4.09 35.10 20.49
CA LEU I 61 3.81 33.73 20.92
C LEU I 61 4.85 33.20 21.90
N SER I 62 6.12 33.58 21.72
CA SER I 62 7.20 33.02 22.53
C SER I 62 6.99 33.26 24.01
N ASP I 63 6.36 34.38 24.37
CA ASP I 63 6.02 34.64 25.76
C ASP I 63 5.11 33.56 26.34
N TYR I 64 4.43 32.81 25.48
CA TYR I 64 3.56 31.73 25.90
C TYR I 64 4.20 30.36 25.77
N ASN I 65 5.43 30.29 25.26
CA ASN I 65 6.25 29.08 25.34
C ASN I 65 5.54 27.87 24.69
N ILE I 66 5.32 27.99 23.38
CA ILE I 66 4.62 26.95 22.63
C ILE I 66 5.65 26.17 21.82
N GLN I 67 5.80 24.89 22.14
CA GLN I 67 6.68 24.02 21.36
C GLN I 67 6.06 23.72 20.00
N LYS I 68 6.86 23.11 19.14
CA LYS I 68 6.31 22.56 17.90
C LYS I 68 5.40 21.38 18.22
N GLU I 69 4.41 21.16 17.36
CA GLU I 69 3.40 20.13 17.58
C GLU I 69 2.68 20.33 18.91
N SER I 70 1.94 21.42 18.98
CA SER I 70 1.14 21.78 20.14
C SER I 70 -0.32 21.95 19.74
N GLY I 71 -1.17 22.09 20.75
CA GLY I 71 -2.60 22.27 20.52
C GLY I 71 -3.19 23.37 21.37
N LEU I 72 -4.07 24.19 20.78
CA LEU I 72 -4.61 25.36 21.45
C LEU I 72 -6.13 25.35 21.39
N GLN I 73 -6.76 25.63 22.52
CA GLN I 73 -8.22 25.72 22.59
C GLN I 73 -8.66 27.14 22.22
N LEU I 74 -9.66 27.23 21.37
CA LEU I 74 -10.25 28.50 20.99
C LEU I 74 -11.61 28.61 21.67
N HIS I 75 -11.89 29.75 22.29
CA HIS I 75 -13.18 30.00 22.92
C HIS I 75 -13.81 31.24 22.31
N ARG I 76 -15.14 31.28 22.33
CA ARG I 76 -15.86 32.36 21.66
C ARG I 76 -15.71 33.66 22.45
N ARG I 77 -15.29 34.72 21.76
CA ARG I 77 -15.22 36.04 22.35
C ARG I 77 -16.46 36.84 21.99
N LEU I 78 -16.92 37.66 22.94
CA LEU I 78 -18.11 38.49 22.76
C LEU I 78 -17.74 39.97 22.73
N ARG I 79 -16.62 40.28 22.10
CA ARG I 79 -16.15 41.62 21.76
C ARG I 79 -16.44 42.67 22.84
N PRO I 80 -15.86 42.52 24.04
CA PRO I 80 -15.96 43.64 24.98
C PRO I 80 -14.90 44.71 24.73
N MET J 4 3.89 26.76 10.14
CA MET J 4 4.18 26.00 11.36
C MET J 4 3.33 24.73 11.42
N GLN J 5 3.75 23.77 12.25
CA GLN J 5 2.95 22.58 12.53
C GLN J 5 2.35 22.76 13.92
N ILE J 6 1.09 23.18 13.95
CA ILE J 6 0.38 23.41 15.20
C ILE J 6 -1.11 23.50 14.89
N PHE J 7 -1.93 23.04 15.83
CA PHE J 7 -3.37 22.96 15.65
C PHE J 7 -4.09 23.85 16.66
N VAL J 8 -5.39 24.02 16.43
CA VAL J 8 -6.25 24.86 17.26
C VAL J 8 -7.64 24.24 17.32
N SER J 9 -8.11 23.93 18.52
CA SER J 9 -9.40 23.27 18.70
C SER J 9 -10.52 24.30 18.85
N THR J 10 -11.65 24.02 18.23
CA THR J 10 -12.80 24.92 18.23
C THR J 10 -14.03 24.27 18.86
N ALA J 11 -13.83 23.28 19.73
CA ALA J 11 -14.96 22.63 20.39
C ALA J 11 -15.75 23.64 21.21
N TRP J 12 -15.12 24.21 22.25
CA TRP J 12 -15.78 25.20 23.09
C TRP J 12 -16.14 26.46 22.32
N PHE J 13 -15.52 26.68 21.15
CA PHE J 13 -15.86 27.84 20.32
C PHE J 13 -17.16 27.62 19.57
N CYS J 14 -17.31 26.48 18.90
CA CYS J 14 -18.44 26.24 18.02
C CYS J 14 -19.64 25.66 18.77
N GLY J 15 -19.39 24.77 19.72
CA GLY J 15 -20.47 24.06 20.38
C GLY J 15 -21.34 24.93 21.26
N LYS J 16 -22.27 24.27 21.92
CA LYS J 16 -23.20 24.90 22.85
C LYS J 16 -23.57 23.85 23.90
N LEU J 17 -24.63 24.12 24.66
CA LEU J 17 -25.13 23.14 25.62
C LEU J 17 -26.63 23.30 25.70
N ILE J 18 -27.33 22.17 25.78
CA ILE J 18 -28.78 22.12 25.65
C ILE J 18 -29.37 21.60 26.96
N THR J 19 -30.38 22.31 27.46
CA THR J 19 -31.05 21.95 28.71
C THR J 19 -32.38 21.28 28.40
N LEU J 20 -32.67 20.19 29.12
CA LEU J 20 -33.91 19.46 28.91
C LEU J 20 -34.26 18.71 30.18
N GLU J 21 -35.55 18.39 30.31
CA GLU J 21 -36.07 17.71 31.49
C GLU J 21 -36.29 16.24 31.15
N VAL J 22 -35.84 15.35 32.05
CA VAL J 22 -36.01 13.92 31.93
C VAL J 22 -36.42 13.35 33.28
N GLU J 23 -36.58 12.03 33.33
CA GLU J 23 -36.76 11.30 34.56
C GLU J 23 -35.59 10.34 34.74
N PRO J 24 -35.09 10.16 35.97
CA PRO J 24 -34.00 9.20 36.17
C PRO J 24 -34.34 7.79 35.71
N SER J 25 -35.62 7.43 35.72
CA SER J 25 -36.04 6.11 35.26
C SER J 25 -35.94 5.94 33.75
N ASP J 26 -35.79 7.04 33.00
CA ASP J 26 -35.67 6.94 31.55
C ASP J 26 -34.36 6.27 31.17
N THR J 27 -34.30 5.81 29.92
CA THR J 27 -33.10 5.21 29.37
C THR J 27 -32.39 6.21 28.46
N ILE J 28 -31.28 5.77 27.87
CA ILE J 28 -30.50 6.65 27.02
C ILE J 28 -31.15 6.84 25.65
N GLU J 29 -32.02 5.92 25.23
CA GLU J 29 -32.78 6.12 24.01
C GLU J 29 -33.68 7.35 24.12
N ASN J 30 -34.29 7.55 25.29
CA ASN J 30 -35.15 8.70 25.50
C ASN J 30 -34.38 10.01 25.39
N VAL J 31 -33.20 10.07 26.01
CA VAL J 31 -32.40 11.29 25.98
C VAL J 31 -32.02 11.64 24.55
N LYS J 32 -31.41 10.68 23.84
CA LYS J 32 -31.04 10.92 22.44
C LYS J 32 -32.26 11.28 21.61
N ALA J 33 -33.41 10.71 21.92
CA ALA J 33 -34.65 11.11 21.25
C ALA J 33 -34.93 12.58 21.49
N LYS J 34 -34.86 13.02 22.75
CA LYS J 34 -35.02 14.44 23.05
C LYS J 34 -33.94 15.28 22.40
N ILE J 35 -32.74 14.71 22.22
CA ILE J 35 -31.68 15.43 21.51
C ILE J 35 -32.07 15.62 20.05
N GLN J 36 -32.63 14.58 19.43
CA GLN J 36 -33.18 14.74 18.08
C GLN J 36 -34.30 15.78 18.07
N ASP J 37 -35.11 15.82 19.13
CA ASP J 37 -36.09 16.87 19.26
C ASP J 37 -35.41 18.23 19.39
N LYS J 38 -34.37 18.32 20.22
CA LYS J 38 -33.81 19.61 20.57
C LYS J 38 -32.85 20.14 19.51
N GLU J 39 -32.14 19.26 18.81
CA GLU J 39 -31.20 19.74 17.79
C GLU J 39 -31.25 18.94 16.49
N GLY J 40 -32.20 18.03 16.33
CA GLY J 40 -32.36 17.32 15.07
C GLY J 40 -31.15 16.51 14.65
N ILE J 41 -30.74 15.54 15.46
CA ILE J 41 -29.58 14.72 15.15
C ILE J 41 -29.97 13.25 15.32
N PRO J 42 -29.67 12.39 14.34
CA PRO J 42 -30.04 10.98 14.46
C PRO J 42 -29.41 10.34 15.68
N PRO J 43 -30.21 9.81 16.60
CA PRO J 43 -29.65 9.17 17.80
C PRO J 43 -28.69 8.04 17.49
N ASP J 44 -28.84 7.41 16.33
CA ASP J 44 -27.85 6.46 15.85
C ASP J 44 -26.49 7.11 15.56
N GLN J 45 -26.46 8.42 15.28
CA GLN J 45 -25.20 9.14 15.12
C GLN J 45 -24.77 9.88 16.39
N GLN J 46 -25.51 9.77 17.49
CA GLN J 46 -25.14 10.42 18.73
C GLN J 46 -24.39 9.44 19.62
N ARG J 47 -23.14 9.78 19.98
CA ARG J 47 -22.37 9.01 20.94
C ARG J 47 -22.22 9.86 22.20
N LEU J 48 -23.02 9.55 23.22
CA LEU J 48 -23.02 10.29 24.47
C LEU J 48 -22.02 9.71 25.45
N ILE J 49 -21.31 10.59 26.16
CA ILE J 49 -20.29 10.20 27.12
C ILE J 49 -20.59 10.88 28.45
N PHE J 50 -20.85 10.08 29.47
CA PHE J 50 -20.93 10.60 30.83
C PHE J 50 -19.53 10.62 31.44
N ALA J 51 -19.43 11.26 32.61
CA ALA J 51 -18.16 11.42 33.31
C ALA J 51 -17.39 10.10 33.40
N GLY J 52 -16.26 10.04 32.69
CA GLY J 52 -15.46 8.83 32.64
C GLY J 52 -16.07 7.73 31.78
N LYS J 53 -17.30 7.36 32.07
CA LYS J 53 -17.94 6.21 31.45
C LYS J 53 -18.85 6.67 30.32
N GLN J 54 -18.54 6.21 29.10
CA GLN J 54 -19.47 6.37 28.00
C GLN J 54 -20.64 5.41 28.18
N LEU J 55 -21.85 5.90 27.95
CA LEU J 55 -23.06 5.12 28.12
C LEU J 55 -23.65 4.70 26.78
N GLU J 56 -24.41 3.62 26.82
CA GLU J 56 -25.15 3.11 25.67
C GLU J 56 -26.63 3.03 26.02
N ASP J 57 -27.47 3.09 25.00
CA ASP J 57 -28.91 2.98 25.20
C ASP J 57 -29.25 1.59 25.74
N GLY J 58 -30.30 1.54 26.55
CA GLY J 58 -30.72 0.27 27.14
C GLY J 58 -30.77 0.24 28.66
N ARG J 59 -29.80 0.86 29.31
CA ARG J 59 -29.82 0.98 30.77
C ARG J 59 -30.48 2.29 31.16
N THR J 60 -31.20 2.27 32.29
CA THR J 60 -31.90 3.45 32.74
C THR J 60 -30.92 4.57 33.06
N LEU J 61 -31.41 5.81 32.99
CA LEU J 61 -30.62 6.93 33.48
C LEU J 61 -30.38 6.82 34.98
N SER J 62 -31.29 6.17 35.71
CA SER J 62 -31.05 5.88 37.11
C SER J 62 -29.97 4.82 37.30
N ASP J 63 -29.81 3.92 36.33
CA ASP J 63 -28.80 2.87 36.44
C ASP J 63 -27.41 3.47 36.64
N TYR J 64 -27.04 4.43 35.79
CA TYR J 64 -25.74 5.06 35.89
C TYR J 64 -25.73 6.21 36.90
N ASN J 65 -26.81 6.37 37.66
CA ASN J 65 -26.87 7.26 38.82
C ASN J 65 -26.51 8.69 38.42
N ILE J 66 -27.32 9.25 37.52
CA ILE J 66 -27.18 10.63 37.09
C ILE J 66 -28.18 11.48 37.87
N GLN J 67 -27.69 12.51 38.55
CA GLN J 67 -28.54 13.42 39.29
C GLN J 67 -29.09 14.47 38.35
N LYS J 68 -29.81 15.45 38.90
CA LYS J 68 -30.25 16.58 38.11
C LYS J 68 -29.06 17.48 37.76
N GLU J 69 -29.26 18.32 36.76
CA GLU J 69 -28.24 19.29 36.32
C GLU J 69 -26.92 18.60 35.98
N SER J 70 -26.99 17.36 35.52
CA SER J 70 -25.78 16.64 35.16
C SER J 70 -25.35 17.02 33.75
N GLY J 71 -24.04 16.86 33.49
CA GLY J 71 -23.44 17.24 32.23
C GLY J 71 -23.07 16.01 31.41
N LEU J 72 -23.45 16.04 30.14
CA LEU J 72 -23.15 14.97 29.19
C LEU J 72 -22.39 15.57 28.01
N GLN J 73 -21.34 14.87 27.59
CA GLN J 73 -20.54 15.29 26.44
C GLN J 73 -20.94 14.47 25.23
N LEU J 74 -21.28 15.14 24.14
CA LEU J 74 -21.77 14.49 22.92
C LEU J 74 -20.70 14.51 21.85
N HIS J 75 -20.32 13.31 21.39
CA HIS J 75 -19.51 13.14 20.20
C HIS J 75 -20.36 12.39 19.18
N ARG J 76 -20.08 12.57 17.89
CA ARG J 76 -20.87 11.88 16.89
C ARG J 76 -20.53 10.40 16.89
N ARG J 77 -21.50 9.59 16.47
CA ARG J 77 -21.38 8.13 16.40
C ARG J 77 -21.16 7.67 14.96
N LEU J 78 -20.26 8.37 14.27
CA LEU J 78 -20.14 8.33 12.82
C LEU J 78 -19.67 6.99 12.28
N ARG J 79 -20.35 5.91 12.67
CA ARG J 79 -20.07 4.56 12.25
C ARG J 79 -21.28 3.69 12.56
N PRO J 80 -21.51 2.61 11.80
CA PRO J 80 -22.59 1.68 12.12
C PRO J 80 -22.27 0.84 13.35
N GLY K 3 18.02 -21.51 14.49
CA GLY K 3 16.86 -20.71 14.88
C GLY K 3 15.55 -21.42 14.59
N MET K 4 14.67 -21.47 15.59
CA MET K 4 13.41 -22.20 15.48
C MET K 4 12.30 -21.38 16.13
N GLN K 5 11.28 -21.04 15.33
CA GLN K 5 10.13 -20.31 15.85
C GLN K 5 9.12 -21.30 16.41
N ILE K 6 8.74 -21.11 17.68
CA ILE K 6 7.77 -21.99 18.33
C ILE K 6 6.94 -21.17 19.30
N PHE K 7 5.69 -21.58 19.49
CA PHE K 7 4.74 -20.90 20.36
C PHE K 7 4.33 -21.83 21.50
N VAL K 8 4.14 -21.26 22.68
CA VAL K 8 3.72 -22.01 23.86
C VAL K 8 2.56 -21.27 24.50
N SER K 9 1.39 -21.90 24.53
CA SER K 9 0.20 -21.35 25.15
C SER K 9 0.04 -21.90 26.57
N THR K 10 -0.35 -21.04 27.49
CA THR K 10 -0.58 -21.40 28.89
C THR K 10 -1.99 -21.04 29.33
N ALA K 11 -2.96 -21.22 28.42
CA ALA K 11 -4.35 -20.95 28.75
C ALA K 11 -4.85 -21.90 29.81
N TRP K 12 -4.55 -23.19 29.68
CA TRP K 12 -5.00 -24.19 30.64
C TRP K 12 -4.21 -24.09 31.95
N PHE K 13 -2.92 -23.76 31.87
CA PHE K 13 -2.09 -23.69 33.07
C PHE K 13 -2.49 -22.50 33.94
N CYS K 14 -2.45 -21.30 33.38
CA CYS K 14 -2.85 -20.10 34.11
C CYS K 14 -4.35 -20.03 34.34
N GLY K 15 -5.13 -20.89 33.70
CA GLY K 15 -6.57 -20.76 33.66
C GLY K 15 -7.25 -21.23 34.92
N LYS K 16 -8.56 -21.41 34.79
CA LYS K 16 -9.47 -21.70 35.89
C LYS K 16 -10.84 -21.97 35.28
N LEU K 17 -11.81 -22.36 36.11
CA LEU K 17 -13.19 -22.45 35.68
C LEU K 17 -14.08 -22.25 36.91
N ILE K 18 -15.24 -21.64 36.69
CA ILE K 18 -16.06 -21.14 37.78
C ILE K 18 -17.40 -21.86 37.79
N THR K 19 -17.99 -21.95 38.98
CA THR K 19 -19.29 -22.58 39.19
C THR K 19 -20.31 -21.49 39.54
N LEU K 20 -21.47 -21.56 38.91
CA LEU K 20 -22.52 -20.57 39.10
C LEU K 20 -23.86 -21.27 39.27
N GLU K 21 -24.78 -20.58 39.95
CA GLU K 21 -26.15 -21.04 40.12
C GLU K 21 -27.08 -20.00 39.50
N VAL K 22 -27.67 -20.34 38.35
CA VAL K 22 -28.62 -19.48 37.65
C VAL K 22 -29.78 -20.35 37.17
N GLU K 23 -30.70 -19.72 36.43
CA GLU K 23 -31.84 -20.41 35.86
C GLU K 23 -31.70 -20.49 34.34
N PRO K 24 -32.23 -21.53 33.70
CA PRO K 24 -32.07 -21.68 32.25
C PRO K 24 -32.83 -20.67 31.41
N SER K 25 -33.65 -19.82 32.03
CA SER K 25 -34.43 -18.84 31.30
C SER K 25 -33.70 -17.51 31.11
N ASP K 26 -32.70 -17.23 31.95
CA ASP K 26 -32.08 -15.91 31.98
C ASP K 26 -31.37 -15.60 30.67
N THR K 27 -30.95 -14.34 30.54
CA THR K 27 -30.15 -13.90 29.40
C THR K 27 -28.67 -14.03 29.75
N ILE K 28 -27.80 -13.50 28.89
CA ILE K 28 -26.37 -13.65 29.12
C ILE K 28 -25.89 -12.67 30.19
N GLU K 29 -26.50 -11.49 30.27
CA GLU K 29 -26.06 -10.49 31.24
C GLU K 29 -26.16 -11.02 32.67
N ASN K 30 -27.22 -11.78 32.97
CA ASN K 30 -27.35 -12.40 34.29
C ASN K 30 -26.13 -13.26 34.60
N VAL K 31 -25.76 -14.14 33.67
CA VAL K 31 -24.54 -14.92 33.81
C VAL K 31 -23.33 -13.99 33.90
N LYS K 32 -23.25 -13.04 32.96
CA LYS K 32 -22.15 -12.08 32.96
C LYS K 32 -22.10 -11.27 34.25
N ALA K 33 -23.27 -10.97 34.83
CA ALA K 33 -23.31 -10.30 36.12
C ALA K 33 -22.63 -11.15 37.18
N LYS K 34 -22.95 -12.45 37.22
CA LYS K 34 -22.28 -13.36 38.14
C LYS K 34 -20.77 -13.36 37.94
N ILE K 35 -20.33 -13.30 36.67
CA ILE K 35 -18.90 -13.35 36.39
C ILE K 35 -18.21 -12.10 36.93
N GLN K 36 -18.83 -10.93 36.73
CA GLN K 36 -18.36 -9.73 37.42
C GLN K 36 -18.42 -9.93 38.94
N ASP K 37 -19.45 -10.60 39.41
CA ASP K 37 -19.57 -10.88 40.84
C ASP K 37 -18.56 -11.93 41.27
N LYS K 38 -18.46 -13.03 40.54
CA LYS K 38 -17.65 -14.17 40.98
C LYS K 38 -16.17 -13.81 41.10
N GLU K 39 -15.52 -13.55 39.98
CA GLU K 39 -14.09 -13.27 40.00
C GLU K 39 -13.75 -11.88 39.50
N GLY K 40 -14.73 -11.00 39.38
CA GLY K 40 -14.48 -9.61 39.08
C GLY K 40 -13.88 -9.33 37.72
N ILE K 41 -14.65 -9.58 36.66
CA ILE K 41 -14.29 -9.19 35.30
C ILE K 41 -15.42 -8.32 34.78
N PRO K 42 -15.13 -7.12 34.26
CA PRO K 42 -16.19 -6.24 33.78
C PRO K 42 -16.94 -6.86 32.61
N PRO K 43 -18.26 -7.03 32.72
CA PRO K 43 -19.02 -7.63 31.62
C PRO K 43 -18.91 -6.87 30.31
N ASP K 44 -18.51 -5.59 30.35
CA ASP K 44 -18.18 -4.89 29.12
C ASP K 44 -16.98 -5.50 28.42
N GLN K 45 -16.17 -6.28 29.13
CA GLN K 45 -15.05 -7.01 28.55
C GLN K 45 -15.38 -8.46 28.23
N GLN K 46 -16.32 -9.06 28.95
CA GLN K 46 -16.58 -10.49 28.82
C GLN K 46 -17.10 -10.83 27.43
N ARG K 47 -16.35 -11.67 26.72
CA ARG K 47 -16.84 -12.31 25.51
C ARG K 47 -16.94 -13.80 25.77
N LEU K 48 -18.11 -14.37 25.51
CA LEU K 48 -18.40 -15.77 25.75
C LEU K 48 -18.70 -16.49 24.44
N ILE K 49 -18.38 -17.78 24.42
CA ILE K 49 -18.71 -18.66 23.30
C ILE K 49 -19.23 -19.96 23.89
N PHE K 50 -20.53 -20.20 23.75
CA PHE K 50 -21.02 -21.55 23.95
C PHE K 50 -20.74 -22.36 22.70
N ALA K 51 -20.80 -23.70 22.85
CA ALA K 51 -20.40 -24.64 21.81
C ALA K 51 -20.91 -24.23 20.44
N GLY K 52 -19.99 -23.97 19.52
CA GLY K 52 -20.36 -23.55 18.19
C GLY K 52 -20.64 -22.07 18.07
N LYS K 53 -21.92 -21.71 18.18
CA LYS K 53 -22.37 -20.35 17.93
C LYS K 53 -21.89 -19.42 19.03
N GLN K 54 -21.58 -18.18 18.64
CA GLN K 54 -21.21 -17.13 19.57
C GLN K 54 -22.47 -16.45 20.10
N LEU K 55 -22.59 -16.39 21.41
CA LEU K 55 -23.78 -15.83 22.04
C LEU K 55 -23.54 -14.39 22.46
N GLU K 56 -24.56 -13.56 22.25
CA GLU K 56 -24.59 -12.18 22.73
C GLU K 56 -25.78 -12.05 23.68
N ASP K 57 -25.66 -11.15 24.64
CA ASP K 57 -26.77 -10.92 25.55
C ASP K 57 -27.99 -10.41 24.79
N GLY K 58 -29.17 -10.63 25.37
CA GLY K 58 -30.41 -10.11 24.83
C GLY K 58 -31.48 -11.15 24.52
N ARG K 59 -31.17 -12.46 24.57
CA ARG K 59 -32.17 -13.47 24.26
C ARG K 59 -32.02 -14.65 25.22
N THR K 60 -33.01 -15.52 25.22
CA THR K 60 -33.15 -16.50 26.28
C THR K 60 -32.05 -17.55 26.19
N LEU K 61 -31.63 -18.06 27.35
CA LEU K 61 -30.64 -19.13 27.38
C LEU K 61 -31.22 -20.44 26.85
N SER K 62 -32.49 -20.72 27.15
CA SER K 62 -33.11 -21.95 26.67
C SER K 62 -33.33 -21.93 25.16
N ASP K 63 -33.31 -20.76 24.53
CA ASP K 63 -33.19 -20.72 23.06
C ASP K 63 -31.94 -21.48 22.61
N TYR K 64 -30.88 -21.43 23.40
CA TYR K 64 -29.68 -22.22 23.16
C TYR K 64 -29.71 -23.57 23.87
N ASN K 65 -30.67 -23.77 24.77
CA ASN K 65 -30.87 -25.04 25.48
C ASN K 65 -29.58 -25.51 26.14
N ILE K 66 -29.07 -24.66 27.03
CA ILE K 66 -27.81 -24.91 27.72
C ILE K 66 -28.15 -25.67 28.99
N GLN K 67 -28.09 -27.00 28.93
CA GLN K 67 -28.52 -27.85 30.03
C GLN K 67 -27.62 -27.66 31.25
N LYS K 68 -27.98 -28.33 32.34
CA LYS K 68 -27.27 -28.16 33.60
C LYS K 68 -25.81 -28.60 33.46
N GLU K 69 -24.94 -27.95 34.24
CA GLU K 69 -23.52 -28.26 34.31
C GLU K 69 -22.82 -28.13 32.96
N SER K 70 -23.39 -27.35 32.04
CA SER K 70 -22.74 -27.13 30.77
C SER K 70 -21.54 -26.20 30.94
N GLY K 71 -20.79 -26.02 29.86
CA GLY K 71 -19.55 -25.27 29.90
C GLY K 71 -19.59 -24.04 29.02
N LEU K 72 -18.88 -23.01 29.44
CA LEU K 72 -18.71 -21.78 28.69
C LEU K 72 -17.24 -21.41 28.65
N GLN K 73 -16.84 -20.70 27.60
CA GLN K 73 -15.45 -20.31 27.40
C GLN K 73 -15.37 -18.79 27.32
N LEU K 74 -14.59 -18.20 28.22
CA LEU K 74 -14.54 -16.75 28.37
C LEU K 74 -13.39 -16.16 27.56
N HIS K 75 -13.70 -15.10 26.82
CA HIS K 75 -12.71 -14.35 26.06
C HIS K 75 -12.87 -12.87 26.43
N ARG K 76 -11.79 -12.11 26.25
CA ARG K 76 -11.82 -10.68 26.52
C ARG K 76 -12.52 -9.97 25.36
N ARG K 77 -12.47 -8.65 25.35
CA ARG K 77 -13.20 -7.82 24.40
C ARG K 77 -12.24 -7.16 23.42
N LEU K 78 -12.85 -6.49 22.45
CA LEU K 78 -12.14 -5.66 21.47
C LEU K 78 -13.17 -4.75 20.80
N ARG K 79 -12.70 -3.94 19.87
CA ARG K 79 -13.56 -2.99 19.14
C ARG K 79 -14.32 -2.07 20.09
N GLY L 3 -7.64 -5.18 -23.55
CA GLY L 3 -8.76 -5.73 -22.84
C GLY L 3 -9.50 -4.71 -21.99
N MET L 4 -10.49 -5.17 -21.23
CA MET L 4 -11.28 -4.30 -20.38
C MET L 4 -11.92 -5.11 -19.28
N GLN L 5 -12.17 -4.45 -18.15
CA GLN L 5 -12.79 -5.08 -16.98
C GLN L 5 -14.28 -4.81 -16.99
N ILE L 6 -15.07 -5.77 -16.52
CA ILE L 6 -16.53 -5.64 -16.49
C ILE L 6 -17.08 -6.50 -15.37
N PHE L 7 -18.25 -6.12 -14.86
CA PHE L 7 -18.89 -6.79 -13.74
C PHE L 7 -20.30 -7.22 -14.13
N VAL L 8 -20.82 -8.22 -13.43
CA VAL L 8 -22.20 -8.69 -13.59
C VAL L 8 -22.74 -9.04 -12.21
N SER L 9 -23.95 -8.59 -11.90
CA SER L 9 -24.60 -8.81 -10.62
C SER L 9 -25.72 -9.83 -10.79
N THR L 10 -25.62 -10.95 -10.08
CA THR L 10 -26.62 -12.01 -10.13
C THR L 10 -27.70 -11.85 -9.07
N ALA L 11 -28.01 -10.61 -8.67
CA ALA L 11 -28.97 -10.39 -7.59
C ALA L 11 -30.34 -10.95 -7.94
N TRP L 12 -31.00 -10.35 -8.93
CA TRP L 12 -32.36 -10.74 -9.29
C TRP L 12 -32.42 -12.07 -10.03
N PHE L 13 -31.28 -12.65 -10.39
CA PHE L 13 -31.26 -13.96 -11.02
C PHE L 13 -31.32 -15.07 -9.98
N CYS L 14 -30.34 -15.08 -9.06
CA CYS L 14 -30.25 -16.09 -8.02
C CYS L 14 -31.13 -15.77 -6.82
N GLY L 15 -31.67 -14.56 -6.73
CA GLY L 15 -32.51 -14.19 -5.61
C GLY L 15 -33.89 -14.82 -5.68
N LYS L 16 -34.57 -14.79 -4.54
CA LYS L 16 -35.91 -15.37 -4.43
C LYS L 16 -36.77 -14.45 -3.57
N LEU L 17 -37.98 -14.17 -4.05
CA LEU L 17 -38.93 -13.38 -3.29
C LEU L 17 -39.70 -14.30 -2.35
N ILE L 18 -39.81 -13.90 -1.08
CA ILE L 18 -40.47 -14.72 -0.08
C ILE L 18 -41.63 -13.93 0.51
N THR L 19 -42.58 -14.66 1.07
CA THR L 19 -43.83 -14.09 1.59
C THR L 19 -43.94 -14.35 3.09
N LEU L 20 -44.28 -13.31 3.84
CA LEU L 20 -44.46 -13.43 5.28
C LEU L 20 -45.66 -12.61 5.73
N GLU L 21 -46.34 -13.10 6.76
CA GLU L 21 -47.54 -12.44 7.28
C GLU L 21 -47.47 -12.42 8.80
N VAL L 22 -47.26 -11.23 9.37
CA VAL L 22 -47.18 -11.03 10.81
C VAL L 22 -47.86 -9.70 11.15
N GLU L 23 -47.97 -9.41 12.45
CA GLU L 23 -48.65 -8.21 12.88
C GLU L 23 -47.75 -6.98 12.71
N PRO L 24 -48.34 -5.80 12.51
CA PRO L 24 -47.52 -4.59 12.29
C PRO L 24 -46.90 -3.99 13.53
N SER L 25 -47.23 -4.47 14.72
CA SER L 25 -46.59 -3.99 15.94
C SER L 25 -45.32 -4.77 16.28
N ASP L 26 -45.01 -5.81 15.52
CA ASP L 26 -43.94 -6.74 15.87
C ASP L 26 -42.57 -6.06 15.75
N THR L 27 -41.53 -6.86 15.99
CA THR L 27 -40.16 -6.40 15.95
C THR L 27 -39.43 -7.05 14.77
N ILE L 28 -38.13 -6.81 14.67
CA ILE L 28 -37.38 -7.18 13.48
C ILE L 28 -36.88 -8.62 13.54
N GLU L 29 -36.49 -9.11 14.73
CA GLU L 29 -36.06 -10.49 14.85
C GLU L 29 -37.18 -11.46 14.48
N ASN L 30 -38.43 -11.10 14.76
CA ASN L 30 -39.56 -11.96 14.43
C ASN L 30 -39.55 -12.35 12.96
N VAL L 31 -39.66 -11.36 12.07
CA VAL L 31 -39.58 -11.64 10.64
C VAL L 31 -38.22 -12.21 10.29
N LYS L 32 -37.16 -11.75 10.95
CA LYS L 32 -35.84 -12.35 10.74
C LYS L 32 -35.80 -13.78 11.22
N ALA L 33 -36.56 -14.11 12.27
CA ALA L 33 -36.77 -15.51 12.61
C ALA L 33 -37.73 -16.18 11.64
N LYS L 34 -38.73 -15.45 11.14
CA LYS L 34 -39.70 -16.05 10.21
C LYS L 34 -39.01 -16.55 8.95
N ILE L 35 -38.04 -15.80 8.43
CA ILE L 35 -37.29 -16.28 7.27
C ILE L 35 -36.37 -17.43 7.66
N GLN L 36 -35.77 -17.35 8.86
CA GLN L 36 -35.10 -18.51 9.43
C GLN L 36 -36.06 -19.69 9.51
N ASP L 37 -37.32 -19.42 9.83
CA ASP L 37 -38.36 -20.43 9.72
C ASP L 37 -38.79 -20.66 8.28
N LYS L 38 -38.65 -19.66 7.42
CA LYS L 38 -39.07 -19.79 6.02
C LYS L 38 -37.93 -20.27 5.13
N GLU L 39 -36.84 -19.51 5.05
CA GLU L 39 -35.73 -19.88 4.18
C GLU L 39 -34.50 -20.33 4.94
N GLY L 40 -34.47 -20.16 6.26
CA GLY L 40 -33.40 -20.72 7.07
C GLY L 40 -32.06 -20.03 7.00
N ILE L 41 -31.99 -18.80 7.52
CA ILE L 41 -30.71 -18.09 7.63
C ILE L 41 -30.64 -17.49 9.03
N PRO L 42 -29.51 -17.61 9.73
CA PRO L 42 -29.42 -17.06 11.10
C PRO L 42 -29.71 -15.57 11.12
N PRO L 43 -30.60 -15.11 12.01
CA PRO L 43 -30.87 -13.67 12.09
C PRO L 43 -29.74 -12.91 12.76
N ASP L 44 -28.51 -13.25 12.37
CA ASP L 44 -27.32 -12.48 12.70
C ASP L 44 -26.41 -12.29 11.51
N GLN L 45 -26.52 -13.12 10.47
CA GLN L 45 -25.95 -12.86 9.16
C GLN L 45 -26.95 -12.15 8.26
N GLN L 46 -28.09 -11.75 8.79
CA GLN L 46 -29.16 -11.11 8.04
C GLN L 46 -29.14 -9.62 8.35
N ARG L 47 -28.81 -8.81 7.35
CA ARG L 47 -28.92 -7.36 7.44
C ARG L 47 -30.13 -6.94 6.63
N LEU L 48 -31.17 -6.46 7.32
CA LEU L 48 -32.41 -6.04 6.68
C LEU L 48 -32.38 -4.54 6.43
N ILE L 49 -32.92 -4.13 5.29
CA ILE L 49 -33.05 -2.72 4.93
C ILE L 49 -34.45 -2.55 4.34
N PHE L 50 -35.40 -2.08 5.15
CA PHE L 50 -36.62 -1.54 4.58
C PHE L 50 -36.35 -0.16 4.03
N ALA L 51 -37.18 0.25 3.07
CA ALA L 51 -37.03 1.49 2.32
C ALA L 51 -36.55 2.64 3.21
N GLY L 52 -35.41 3.23 2.83
CA GLY L 52 -34.84 4.29 3.63
C GLY L 52 -33.67 3.89 4.50
N LYS L 53 -33.93 3.67 5.77
CA LYS L 53 -32.87 3.54 6.76
C LYS L 53 -32.47 2.09 6.99
N GLN L 54 -31.24 1.91 7.44
CA GLN L 54 -30.78 0.63 7.98
C GLN L 54 -31.40 0.43 9.35
N LEU L 55 -32.26 -0.57 9.48
CA LEU L 55 -33.04 -0.76 10.69
C LEU L 55 -32.38 -1.76 11.63
N GLU L 56 -32.77 -1.66 12.90
CA GLU L 56 -32.25 -2.53 13.95
C GLU L 56 -33.41 -3.23 14.63
N ASP L 57 -33.09 -4.31 15.35
CA ASP L 57 -34.10 -5.05 16.08
C ASP L 57 -34.61 -4.25 17.27
N GLY L 58 -35.59 -4.82 17.97
CA GLY L 58 -36.12 -4.20 19.17
C GLY L 58 -37.03 -3.03 18.90
N ARG L 59 -36.63 -2.17 17.97
CA ARG L 59 -37.44 -1.01 17.62
C ARG L 59 -38.73 -1.45 16.95
N THR L 60 -39.78 -0.68 17.18
CA THR L 60 -41.12 -1.13 16.79
C THR L 60 -41.28 -1.02 15.28
N LEU L 61 -41.82 -2.07 14.68
CA LEU L 61 -42.18 -2.00 13.26
C LEU L 61 -43.16 -0.87 13.01
N SER L 62 -44.01 -0.56 14.00
CA SER L 62 -44.92 0.56 13.87
C SER L 62 -44.18 1.89 13.66
N ASP L 63 -43.03 2.06 14.32
CA ASP L 63 -42.20 3.24 14.08
C ASP L 63 -41.71 3.31 12.64
N TYR L 64 -41.72 2.20 11.92
CA TYR L 64 -41.28 2.17 10.53
C TYR L 64 -42.42 2.15 9.53
N ASN L 65 -43.67 2.22 10.01
CA ASN L 65 -44.84 2.44 9.17
C ASN L 65 -44.86 1.49 7.97
N ILE L 66 -44.86 0.20 8.29
CA ILE L 66 -44.92 -0.84 7.27
C ILE L 66 -46.38 -1.25 7.10
N GLN L 67 -46.91 -1.10 5.90
CA GLN L 67 -48.28 -1.47 5.59
C GLN L 67 -48.31 -2.94 5.19
N LYS L 68 -49.51 -3.45 4.93
CA LYS L 68 -49.63 -4.83 4.46
C LYS L 68 -49.06 -4.97 3.06
N GLU L 69 -48.50 -6.15 2.79
CA GLU L 69 -47.87 -6.46 1.50
C GLU L 69 -46.74 -5.48 1.19
N SER L 70 -45.80 -5.36 2.12
CA SER L 70 -44.62 -4.53 1.95
C SER L 70 -43.40 -5.40 1.75
N GLY L 71 -42.38 -4.83 1.10
CA GLY L 71 -41.18 -5.56 0.72
C GLY L 71 -39.95 -5.03 1.41
N LEU L 72 -39.04 -5.95 1.76
CA LEU L 72 -37.77 -5.62 2.38
C LEU L 72 -36.63 -6.19 1.54
N GLN L 73 -35.50 -5.48 1.53
CA GLN L 73 -34.28 -5.96 0.91
C GLN L 73 -33.42 -6.58 2.00
N LEU L 74 -33.23 -7.90 1.94
CA LEU L 74 -32.45 -8.62 2.93
C LEU L 74 -31.01 -8.73 2.42
N HIS L 75 -30.06 -8.27 3.22
CA HIS L 75 -28.65 -8.26 2.86
C HIS L 75 -27.86 -9.13 3.83
N ARG L 76 -26.75 -9.65 3.34
CA ARG L 76 -25.86 -10.45 4.18
C ARG L 76 -25.16 -9.54 5.19
N ARG L 77 -24.62 -10.18 6.24
CA ARG L 77 -23.94 -9.46 7.31
C ARG L 77 -22.54 -10.03 7.46
N LEU L 78 -21.54 -9.15 7.41
CA LEU L 78 -20.17 -9.57 7.67
C LEU L 78 -19.95 -9.82 9.16
N ARG L 79 -20.07 -8.78 9.97
CA ARG L 79 -19.91 -8.87 11.41
C ARG L 79 -20.49 -7.61 12.04
N PRO L 80 -20.95 -7.68 13.30
CA PRO L 80 -21.44 -6.50 14.02
C PRO L 80 -20.32 -5.57 14.46
#